data_3Q2O
#
_entry.id   3Q2O
#
_cell.length_a   57.430
_cell.length_b   82.445
_cell.length_c   166.621
_cell.angle_alpha   90.000
_cell.angle_beta   90.000
_cell.angle_gamma   90.000
#
_symmetry.space_group_name_H-M   'P 21 21 21'
#
loop_
_entity.id
_entity.type
_entity.pdbx_description
1 polymer 'Phosphoribosylaminoimidazole carboxylase, ATPase subunit'
2 non-polymer 'MAGNESIUM ION'
3 water water
#
_entity_poly.entity_id   1
_entity_poly.type   'polypeptide(L)'
_entity_poly.pdbx_seq_one_letter_code
;GSHMLDMTRIILPGKTIGIIGGGQLGRMMALAAKEMGYKIAVLDPTKNSPCAQVADIEIVASYDDLKAIQHLAEISDVVT
YEFENIDYRCLQWLEKHAYLPQGSQLLSKTQNRFTEKNAIEKAGLPVATYRLVQNQEQLTEAIAELSYPSVLKTTTGGYD
GKGQVVLRSEADVDEARKLANAAECILEKWVPFEKEVSVIVIRSVSGETKVFPVAENIHVNNILHESIVPARITEELSQK
AIAYAKVLADELELVGTLAVEMFATADGEIYINELAPRPHNSGHYTQDACETSQFGQHIRAICNLPLGETNLLKPVVMVN
ILGEHIEGVLRQVNRLTGCYLHLYGKEEAKAQRKMGHVNILNDNIEVALEKAKSLHIWDHQEQLLEGKR
;
_entity_poly.pdbx_strand_id   A,B
#
# COMPACT_ATOMS: atom_id res chain seq x y z
N MET A 7 24.88 -2.64 -11.36
CA MET A 7 25.16 -1.67 -12.45
C MET A 7 23.93 -1.49 -13.34
N THR A 8 23.79 -2.35 -14.33
CA THR A 8 22.72 -2.20 -15.33
C THR A 8 21.59 -3.23 -15.14
N ARG A 9 21.86 -4.30 -14.39
CA ARG A 9 20.89 -5.41 -14.24
C ARG A 9 19.56 -4.99 -13.61
N ILE A 10 18.47 -5.18 -14.36
CA ILE A 10 17.12 -4.83 -13.89
C ILE A 10 16.26 -6.08 -13.79
N ILE A 11 15.54 -6.18 -12.67
CA ILE A 11 14.58 -7.26 -12.45
C ILE A 11 13.17 -6.70 -12.67
N LEU A 12 12.56 -7.07 -13.79
CA LEU A 12 11.28 -6.51 -14.22
C LEU A 12 10.09 -7.09 -13.50
N PRO A 13 9.02 -6.31 -13.37
CA PRO A 13 7.73 -6.83 -12.93
C PRO A 13 7.40 -8.13 -13.67
N GLY A 14 6.81 -9.08 -12.96
CA GLY A 14 6.52 -10.39 -13.53
C GLY A 14 7.53 -11.43 -13.07
N LYS A 15 8.72 -10.98 -12.67
CA LYS A 15 9.73 -11.88 -12.12
C LYS A 15 9.42 -12.22 -10.67
N THR A 16 10.15 -13.20 -10.13
CA THR A 16 9.94 -13.67 -8.76
C THR A 16 11.02 -13.12 -7.81
N ILE A 17 10.58 -12.47 -6.75
CA ILE A 17 11.47 -12.06 -5.67
C ILE A 17 11.38 -13.10 -4.56
N GLY A 18 12.54 -13.66 -4.19
CA GLY A 18 12.62 -14.63 -3.11
C GLY A 18 13.08 -13.98 -1.83
N ILE A 19 12.44 -14.31 -0.73
CA ILE A 19 12.72 -13.68 0.55
C ILE A 19 13.08 -14.74 1.60
N ILE A 20 14.25 -14.55 2.22
CA ILE A 20 14.67 -15.40 3.33
C ILE A 20 14.17 -14.78 4.63
N GLY A 21 13.20 -15.45 5.25
CA GLY A 21 12.55 -14.95 6.45
C GLY A 21 11.13 -14.52 6.13
N GLY A 22 10.15 -15.12 6.79
CA GLY A 22 8.73 -14.85 6.49
C GLY A 22 7.97 -14.09 7.56
N GLY A 23 8.68 -13.34 8.40
CA GLY A 23 8.03 -12.43 9.36
C GLY A 23 7.36 -11.23 8.71
N GLN A 24 6.96 -10.28 9.54
CA GLN A 24 6.23 -9.09 9.08
C GLN A 24 7.00 -8.24 8.07
N LEU A 25 8.33 -8.22 8.16
CA LEU A 25 9.12 -7.41 7.22
C LEU A 25 9.05 -8.03 5.83
N GLY A 26 9.23 -9.35 5.77
CA GLY A 26 8.99 -10.11 4.53
C GLY A 26 7.59 -9.91 3.98
N ARG A 27 6.58 -9.94 4.85
CA ARG A 27 5.19 -9.76 4.42
C ARG A 27 4.97 -8.39 3.79
N MET A 28 5.47 -7.34 4.44
CA MET A 28 5.33 -5.99 3.92
C MET A 28 6.15 -5.72 2.64
N MET A 29 7.30 -6.37 2.52
CA MET A 29 8.09 -6.35 1.27
C MET A 29 7.25 -6.98 0.17
N ALA A 30 6.65 -8.13 0.47
CA ALA A 30 5.87 -8.90 -0.50
C ALA A 30 4.61 -8.17 -0.98
N LEU A 31 3.97 -7.44 -0.08
CA LEU A 31 2.80 -6.64 -0.41
C LEU A 31 3.15 -5.47 -1.33
N ALA A 32 4.27 -4.81 -1.07
CA ALA A 32 4.75 -3.74 -1.94
C ALA A 32 5.11 -4.28 -3.32
N ALA A 33 5.77 -5.45 -3.33
CA ALA A 33 6.18 -6.07 -4.58
C ALA A 33 4.99 -6.51 -5.45
N LYS A 34 3.94 -7.03 -4.81
CA LYS A 34 2.73 -7.46 -5.53
C LYS A 34 2.02 -6.30 -6.23
N GLU A 35 2.01 -5.11 -5.61
CA GLU A 35 1.41 -3.92 -6.25
C GLU A 35 2.09 -3.66 -7.59
N MET A 36 3.37 -3.98 -7.67
CA MET A 36 4.14 -3.72 -8.86
C MET A 36 4.20 -4.91 -9.81
N GLY A 37 3.47 -5.98 -9.47
CA GLY A 37 3.34 -7.11 -10.37
C GLY A 37 4.43 -8.16 -10.26
N TYR A 38 5.10 -8.23 -9.11
CA TYR A 38 6.08 -9.30 -8.87
C TYR A 38 5.44 -10.51 -8.24
N LYS A 39 6.05 -11.66 -8.51
CA LYS A 39 5.74 -12.90 -7.83
C LYS A 39 6.64 -13.02 -6.60
N ILE A 40 6.15 -13.71 -5.57
CA ILE A 40 6.91 -13.82 -4.32
C ILE A 40 7.12 -15.29 -3.90
N ALA A 41 8.36 -15.62 -3.53
CA ALA A 41 8.69 -16.90 -2.94
C ALA A 41 9.32 -16.62 -1.58
N VAL A 42 8.98 -17.42 -0.57
CA VAL A 42 9.52 -17.18 0.76
C VAL A 42 10.02 -18.47 1.41
N LEU A 43 11.14 -18.34 2.13
CA LEU A 43 11.66 -19.42 2.96
C LEU A 43 11.57 -19.00 4.44
N ASP A 44 11.01 -19.87 5.28
CA ASP A 44 10.79 -19.59 6.71
C ASP A 44 10.68 -20.93 7.43
N PRO A 45 11.17 -21.02 8.69
CA PRO A 45 11.10 -22.28 9.46
C PRO A 45 9.68 -22.74 9.81
N THR A 46 8.71 -21.82 9.81
CA THR A 46 7.34 -22.15 10.22
C THR A 46 6.39 -22.01 9.05
N LYS A 47 5.46 -22.97 8.95
CA LYS A 47 4.42 -22.96 7.94
C LYS A 47 3.43 -21.82 8.20
N ASN A 48 2.83 -21.27 7.13
CA ASN A 48 1.82 -20.21 7.23
C ASN A 48 2.34 -18.91 7.89
N SER A 49 3.59 -18.55 7.61
CA SER A 49 4.17 -17.33 8.15
C SER A 49 3.47 -16.08 7.57
N PRO A 50 3.61 -14.92 8.25
CA PRO A 50 3.05 -13.68 7.73
C PRO A 50 3.33 -13.46 6.24
N CYS A 51 4.57 -13.74 5.81
CA CYS A 51 4.93 -13.56 4.42
C CYS A 51 4.32 -14.64 3.55
N ALA A 52 4.33 -15.89 4.01
CA ALA A 52 3.74 -16.99 3.23
C ALA A 52 2.27 -16.72 2.89
N GLN A 53 1.60 -15.97 3.75
CA GLN A 53 0.19 -15.62 3.58
C GLN A 53 -0.04 -14.70 2.38
N VAL A 54 1.05 -14.13 1.85
CA VAL A 54 0.99 -13.28 0.66
C VAL A 54 1.90 -13.82 -0.44
N ALA A 55 2.62 -14.90 -0.20
CA ALA A 55 3.57 -15.41 -1.19
C ALA A 55 2.93 -16.37 -2.17
N ASP A 56 3.49 -16.43 -3.38
CA ASP A 56 3.06 -17.41 -4.37
C ASP A 56 3.61 -18.80 -4.08
N ILE A 57 4.82 -18.84 -3.53
CA ILE A 57 5.51 -20.09 -3.21
C ILE A 57 6.08 -20.03 -1.77
N GLU A 58 5.83 -21.08 -0.98
CA GLU A 58 6.32 -21.19 0.39
C GLU A 58 7.30 -22.37 0.52
N ILE A 59 8.51 -22.11 1.02
CA ILE A 59 9.47 -23.18 1.37
C ILE A 59 9.64 -23.24 2.88
N VAL A 60 9.19 -24.32 3.50
CA VAL A 60 9.32 -24.43 4.95
C VAL A 60 10.60 -25.19 5.29
N ALA A 61 11.57 -24.48 5.87
CA ALA A 61 12.88 -25.06 6.22
C ALA A 61 13.69 -24.14 7.13
N SER A 62 14.77 -24.69 7.71
CA SER A 62 15.68 -23.91 8.56
C SER A 62 16.52 -22.96 7.72
N TYR A 63 16.91 -21.85 8.35
CA TYR A 63 17.76 -20.84 7.70
C TYR A 63 19.17 -21.33 7.38
N ASP A 64 19.61 -22.37 8.07
CA ASP A 64 20.94 -22.95 7.86
C ASP A 64 20.92 -24.16 6.91
N ASP A 65 19.73 -24.49 6.39
CA ASP A 65 19.52 -25.63 5.46
C ASP A 65 19.87 -25.20 4.03
N LEU A 66 21.10 -25.53 3.60
CA LEU A 66 21.63 -25.00 2.33
C LEU A 66 20.82 -25.48 1.12
N LYS A 67 20.42 -26.74 1.14
CA LYS A 67 19.55 -27.29 0.10
C LYS A 67 18.25 -26.48 -0.10
N ALA A 68 17.60 -26.12 1.01
CA ALA A 68 16.39 -25.28 0.94
C ALA A 68 16.68 -23.88 0.40
N ILE A 69 17.74 -23.26 0.91
CA ILE A 69 18.23 -21.95 0.42
C ILE A 69 18.49 -21.99 -1.09
N GLN A 70 19.12 -23.09 -1.54
CA GLN A 70 19.41 -23.30 -2.95
C GLN A 70 18.11 -23.43 -3.74
N HIS A 71 17.14 -24.13 -3.19
CA HIS A 71 15.82 -24.26 -3.83
C HIS A 71 15.12 -22.91 -4.00
N LEU A 72 15.16 -22.07 -2.96
CA LEU A 72 14.60 -20.72 -3.03
C LEU A 72 15.29 -19.92 -4.14
N ALA A 73 16.62 -19.99 -4.15
CA ALA A 73 17.43 -19.26 -5.13
C ALA A 73 17.12 -19.66 -6.57
N GLU A 74 17.01 -20.98 -6.78
CA GLU A 74 16.69 -21.59 -8.08
C GLU A 74 15.38 -21.15 -8.73
N ILE A 75 14.44 -20.70 -7.92
CA ILE A 75 13.14 -20.27 -8.45
C ILE A 75 12.95 -18.75 -8.35
N SER A 76 13.99 -18.05 -7.92
CA SER A 76 13.95 -16.60 -7.71
C SER A 76 14.86 -15.86 -8.69
N ASP A 77 14.33 -14.76 -9.23
CA ASP A 77 15.09 -13.87 -10.10
C ASP A 77 16.00 -12.92 -9.33
N VAL A 78 15.62 -12.64 -8.08
CA VAL A 78 16.41 -11.86 -7.15
C VAL A 78 16.05 -12.35 -5.74
N VAL A 79 17.05 -12.41 -4.86
CA VAL A 79 16.87 -12.87 -3.49
C VAL A 79 17.23 -11.74 -2.53
N THR A 80 16.38 -11.54 -1.53
CA THR A 80 16.63 -10.62 -0.44
C THR A 80 16.34 -11.37 0.86
N TYR A 81 16.53 -10.70 1.98
CA TYR A 81 16.35 -11.33 3.28
C TYR A 81 15.69 -10.35 4.24
N GLU A 82 14.91 -10.89 5.18
CA GLU A 82 14.49 -10.19 6.37
C GLU A 82 15.30 -10.73 7.55
N PHE A 83 15.67 -12.01 7.47
CA PHE A 83 16.44 -12.65 8.52
C PHE A 83 17.93 -12.42 8.28
N GLU A 84 18.62 -11.87 9.28
CA GLU A 84 20.00 -11.37 9.12
C GLU A 84 21.07 -12.42 9.38
N ASN A 85 20.76 -13.40 10.24
CA ASN A 85 21.79 -14.32 10.72
C ASN A 85 22.00 -15.53 9.79
N ILE A 86 22.10 -15.27 8.49
CA ILE A 86 22.44 -16.30 7.49
C ILE A 86 23.92 -16.60 7.65
N ASP A 87 24.29 -17.87 7.67
CA ASP A 87 25.70 -18.19 7.86
C ASP A 87 26.52 -17.99 6.57
N TYR A 88 27.84 -17.98 6.73
CA TYR A 88 28.72 -17.63 5.63
C TYR A 88 28.62 -18.54 4.43
N ARG A 89 28.40 -19.83 4.64
CA ARG A 89 28.39 -20.76 3.51
C ARG A 89 27.17 -20.55 2.61
N CYS A 90 26.02 -20.31 3.23
CA CYS A 90 24.80 -19.95 2.50
C CYS A 90 24.93 -18.59 1.82
N LEU A 91 25.47 -17.59 2.53
CA LEU A 91 25.66 -16.24 1.97
C LEU A 91 26.58 -16.24 0.75
N GLN A 92 27.70 -16.96 0.83
CA GLN A 92 28.60 -17.03 -0.31
C GLN A 92 27.93 -17.76 -1.48
N TRP A 93 27.21 -18.85 -1.20
CA TRP A 93 26.53 -19.55 -2.28
C TRP A 93 25.53 -18.62 -3.00
N LEU A 94 24.72 -17.92 -2.22
CA LEU A 94 23.74 -16.98 -2.77
C LEU A 94 24.38 -15.87 -3.60
N GLU A 95 25.45 -15.28 -3.07
CA GLU A 95 26.11 -14.15 -3.74
C GLU A 95 26.72 -14.55 -5.09
N LYS A 96 27.27 -15.75 -5.17
CA LYS A 96 27.96 -16.19 -6.38
C LYS A 96 27.09 -16.97 -7.36
N HIS A 97 26.08 -17.69 -6.86
CA HIS A 97 25.29 -18.60 -7.69
C HIS A 97 23.79 -18.28 -7.78
N ALA A 98 23.38 -17.22 -7.09
CA ALA A 98 22.04 -16.65 -7.26
C ALA A 98 22.22 -15.15 -7.48
N TYR A 99 21.13 -14.41 -7.59
CA TYR A 99 21.24 -12.97 -7.70
C TYR A 99 20.87 -12.32 -6.36
N LEU A 100 21.91 -11.93 -5.62
CA LEU A 100 21.76 -11.30 -4.32
C LEU A 100 22.47 -9.94 -4.37
N PRO A 101 21.81 -8.92 -4.95
CA PRO A 101 22.46 -7.63 -5.16
C PRO A 101 22.90 -6.92 -3.88
N GLN A 102 22.31 -7.28 -2.74
CA GLN A 102 22.73 -6.71 -1.44
C GLN A 102 24.14 -7.13 -1.04
N GLY A 103 24.56 -8.30 -1.50
CA GLY A 103 25.90 -8.83 -1.19
C GLY A 103 25.96 -9.34 0.24
N SER A 104 27.15 -9.77 0.67
CA SER A 104 27.33 -10.36 2.00
C SER A 104 28.17 -9.48 2.92
N GLN A 105 28.92 -8.55 2.33
CA GLN A 105 29.88 -7.70 3.02
C GLN A 105 29.21 -6.85 4.12
N LEU A 106 28.21 -6.07 3.76
CA LEU A 106 27.53 -5.21 4.74
C LEU A 106 26.89 -6.04 5.85
N LEU A 107 26.19 -7.08 5.47
CA LEU A 107 25.54 -7.96 6.42
C LEU A 107 26.56 -8.54 7.41
N SER A 108 27.72 -8.97 6.91
CA SER A 108 28.81 -9.47 7.76
C SER A 108 29.23 -8.47 8.83
N LYS A 109 29.48 -7.23 8.41
CA LYS A 109 29.84 -6.14 9.32
C LYS A 109 28.81 -5.84 10.42
N THR A 110 27.52 -5.98 10.10
CA THR A 110 26.46 -5.58 11.04
C THR A 110 26.03 -6.72 11.99
N GLN A 111 26.69 -7.87 11.90
CA GLN A 111 26.34 -9.03 12.74
C GLN A 111 27.05 -9.07 14.09
N ASN A 112 28.09 -8.24 14.21
CA ASN A 112 28.89 -8.20 15.41
C ASN A 112 29.04 -6.75 15.83
N ARG A 113 28.65 -6.42 17.07
CA ARG A 113 28.66 -5.03 17.56
C ARG A 113 30.03 -4.37 17.49
N PHE A 114 31.09 -5.13 17.79
CA PHE A 114 32.45 -4.60 17.68
C PHE A 114 32.84 -4.34 16.23
N THR A 115 32.58 -5.31 15.36
CA THR A 115 32.87 -5.16 13.94
C THR A 115 32.10 -3.98 13.38
N GLU A 116 30.83 -3.87 13.78
CA GLU A 116 29.96 -2.81 13.34
C GLU A 116 30.50 -1.42 13.73
N LYS A 117 30.89 -1.26 15.00
CA LYS A 117 31.43 0.02 15.47
C LYS A 117 32.74 0.42 14.81
N ASN A 118 33.62 -0.56 14.59
CA ASN A 118 34.83 -0.36 13.80
C ASN A 118 34.55 0.13 12.38
N ALA A 119 33.56 -0.49 11.72
CA ALA A 119 33.19 -0.10 10.36
C ALA A 119 32.65 1.32 10.32
N ILE A 120 31.85 1.69 11.32
CA ILE A 120 31.28 3.04 11.41
C ILE A 120 32.40 4.08 11.56
N GLU A 121 33.32 3.83 12.50
CA GLU A 121 34.46 4.72 12.70
C GLU A 121 35.36 4.82 11.47
N LYS A 122 35.59 3.69 10.81
CA LYS A 122 36.41 3.67 9.59
C LYS A 122 35.74 4.44 8.45
N ALA A 123 34.42 4.50 8.45
CA ALA A 123 33.66 5.32 7.52
C ALA A 123 33.70 6.82 7.87
N GLY A 124 34.33 7.16 9.00
CA GLY A 124 34.50 8.56 9.42
C GLY A 124 33.40 9.12 10.30
N LEU A 125 32.59 8.24 10.93
CA LEU A 125 31.44 8.68 11.72
C LEU A 125 31.60 8.42 13.21
N PRO A 126 30.98 9.27 14.05
CA PRO A 126 31.23 9.15 15.50
C PRO A 126 30.38 8.07 16.19
N VAL A 127 30.98 7.38 17.15
CA VAL A 127 30.27 6.46 18.02
C VAL A 127 30.75 6.70 19.45
N ALA A 128 29.98 6.26 20.44
CA ALA A 128 30.40 6.31 21.83
C ALA A 128 31.65 5.47 22.00
N THR A 129 32.54 5.92 22.87
CA THR A 129 33.80 5.23 23.11
C THR A 129 33.50 3.81 23.59
N TYR A 130 34.25 2.84 23.08
CA TYR A 130 33.92 1.42 23.28
C TYR A 130 35.18 0.57 23.38
N ARG A 131 35.05 -0.56 24.08
CA ARG A 131 36.15 -1.52 24.24
C ARG A 131 35.66 -2.95 24.09
N LEU A 132 36.42 -3.73 23.34
CA LEU A 132 36.14 -5.16 23.20
C LEU A 132 36.42 -5.88 24.51
N VAL A 133 35.53 -6.77 24.91
CA VAL A 133 35.67 -7.51 26.18
C VAL A 133 35.58 -9.01 25.90
N GLN A 134 36.72 -9.68 25.91
CA GLN A 134 36.79 -11.10 25.61
C GLN A 134 37.08 -11.95 26.85
N ASN A 135 37.55 -11.31 27.91
CA ASN A 135 37.73 -11.99 29.20
C ASN A 135 37.52 -11.05 30.38
N GLN A 136 37.72 -11.57 31.60
CA GLN A 136 37.55 -10.76 32.81
C GLN A 136 38.55 -9.63 32.90
N GLU A 137 39.79 -9.90 32.48
CA GLU A 137 40.84 -8.89 32.51
C GLU A 137 40.53 -7.72 31.60
N GLN A 138 40.01 -8.01 30.42
CA GLN A 138 39.60 -6.97 29.49
C GLN A 138 38.41 -6.17 30.01
N LEU A 139 37.48 -6.84 30.72
CA LEU A 139 36.37 -6.12 31.35
C LEU A 139 36.91 -5.14 32.41
N THR A 140 37.77 -5.64 33.29
CA THR A 140 38.39 -4.82 34.34
C THR A 140 39.07 -3.57 33.76
N GLU A 141 39.90 -3.77 32.74
CA GLU A 141 40.60 -2.68 32.07
C GLU A 141 39.64 -1.67 31.42
N ALA A 142 38.59 -2.18 30.78
CA ALA A 142 37.60 -1.34 30.11
C ALA A 142 36.80 -0.49 31.11
N ILE A 143 36.35 -1.13 32.19
CA ILE A 143 35.74 -0.40 33.32
C ILE A 143 36.66 0.72 33.81
N ALA A 144 37.94 0.40 33.99
CA ALA A 144 38.92 1.38 34.44
C ALA A 144 39.00 2.59 33.49
N GLU A 145 39.08 2.31 32.18
CA GLU A 145 39.24 3.35 31.16
C GLU A 145 37.98 4.15 30.87
N LEU A 146 36.82 3.49 30.86
CA LEU A 146 35.56 4.16 30.50
C LEU A 146 34.80 4.68 31.71
N SER A 147 35.06 4.08 32.87
CA SER A 147 34.40 4.43 34.13
C SER A 147 32.88 4.27 34.06
N TYR A 148 32.18 4.85 35.03
CA TYR A 148 30.73 4.79 35.09
C TYR A 148 30.11 6.12 34.66
N PRO A 149 28.90 6.10 34.07
CA PRO A 149 28.18 4.88 33.70
C PRO A 149 28.62 4.31 32.34
N SER A 150 28.32 3.03 32.13
CA SER A 150 28.74 2.30 30.94
C SER A 150 27.79 1.14 30.75
N VAL A 151 27.76 0.61 29.53
CA VAL A 151 26.89 -0.51 29.20
C VAL A 151 27.71 -1.63 28.57
N LEU A 152 27.61 -2.82 29.15
CA LEU A 152 28.23 -4.01 28.60
C LEU A 152 27.18 -4.76 27.80
N LYS A 153 27.46 -5.01 26.53
CA LYS A 153 26.55 -5.72 25.64
C LYS A 153 27.28 -6.86 24.97
N THR A 154 26.58 -7.97 24.73
CA THR A 154 27.14 -9.06 23.92
C THR A 154 27.34 -8.59 22.48
N THR A 155 28.41 -9.05 21.84
CA THR A 155 28.72 -8.62 20.48
C THR A 155 27.79 -9.25 19.44
N THR A 156 27.24 -10.43 19.75
CA THR A 156 26.30 -11.11 18.85
C THR A 156 25.05 -11.55 19.61
N GLY A 157 24.11 -12.15 18.88
CA GLY A 157 22.83 -12.56 19.45
C GLY A 157 22.00 -11.34 19.82
N GLY A 158 21.33 -10.76 18.83
CA GLY A 158 20.54 -9.54 19.01
C GLY A 158 19.14 -9.78 19.55
N TYR A 159 18.72 -11.04 19.57
CA TYR A 159 17.37 -11.42 19.99
C TYR A 159 17.20 -11.37 21.53
N ASP A 160 16.00 -11.70 22.00
CA ASP A 160 15.53 -11.42 23.36
C ASP A 160 16.33 -12.06 24.50
N GLY A 161 16.13 -11.54 25.70
CA GLY A 161 16.82 -12.00 26.91
C GLY A 161 17.77 -10.96 27.49
N LYS A 162 17.48 -9.69 27.21
CA LYS A 162 18.37 -8.55 27.56
C LYS A 162 19.77 -8.64 26.94
N GLY A 163 20.61 -9.54 27.48
CA GLY A 163 21.98 -9.71 27.00
C GLY A 163 22.84 -8.47 27.19
N GLN A 164 22.47 -7.63 28.15
CA GLN A 164 23.22 -6.44 28.50
C GLN A 164 23.15 -6.10 29.98
N VAL A 165 24.16 -5.37 30.45
CA VAL A 165 24.28 -4.99 31.86
C VAL A 165 24.71 -3.53 31.91
N VAL A 166 23.89 -2.70 32.55
CA VAL A 166 24.21 -1.28 32.73
C VAL A 166 25.02 -1.10 34.01
N LEU A 167 26.18 -0.48 33.90
CA LEU A 167 27.09 -0.31 35.03
C LEU A 167 27.14 1.16 35.48
N ARG A 168 26.48 1.43 36.61
CA ARG A 168 26.45 2.78 37.18
C ARG A 168 27.39 2.91 38.38
N SER A 169 27.65 1.79 39.04
CA SER A 169 28.56 1.74 40.18
C SER A 169 29.32 0.41 40.22
N GLU A 170 30.30 0.31 41.11
CA GLU A 170 31.03 -0.94 41.34
C GLU A 170 30.08 -2.08 41.73
N ALA A 171 28.92 -1.73 42.28
CA ALA A 171 27.90 -2.70 42.68
C ALA A 171 27.37 -3.53 41.50
N ASP A 172 27.52 -3.02 40.28
CA ASP A 172 27.02 -3.70 39.08
C ASP A 172 28.03 -4.62 38.39
N VAL A 173 29.30 -4.50 38.80
CA VAL A 173 30.41 -5.27 38.21
C VAL A 173 30.17 -6.78 38.28
N ASP A 174 29.68 -7.25 39.42
CA ASP A 174 29.37 -8.65 39.63
C ASP A 174 28.48 -9.22 38.53
N GLU A 175 27.40 -8.51 38.20
CA GLU A 175 26.47 -8.91 37.14
C GLU A 175 27.12 -8.90 35.75
N ALA A 176 27.98 -7.91 35.52
CA ALA A 176 28.72 -7.76 34.27
C ALA A 176 29.73 -8.89 34.03
N ARG A 177 30.45 -9.27 35.08
CA ARG A 177 31.44 -10.35 35.00
C ARG A 177 30.78 -11.64 34.55
N LYS A 178 29.59 -11.90 35.08
CA LYS A 178 28.78 -13.05 34.70
C LYS A 178 28.45 -13.03 33.20
N LEU A 179 28.09 -11.87 32.69
CA LEU A 179 27.79 -11.72 31.27
C LEU A 179 29.02 -11.96 30.42
N ALA A 180 30.12 -11.31 30.79
CA ALA A 180 31.39 -11.44 30.08
C ALA A 180 31.96 -12.87 30.19
N ASN A 181 31.46 -13.62 31.17
CA ASN A 181 31.79 -15.02 31.33
C ASN A 181 31.03 -15.93 30.35
N ALA A 182 29.84 -15.50 29.95
CA ALA A 182 29.01 -16.31 29.03
C ALA A 182 29.22 -16.01 27.55
N ALA A 183 29.70 -14.81 27.23
CA ALA A 183 29.80 -14.34 25.85
C ALA A 183 30.81 -13.21 25.66
N GLU A 184 31.30 -13.10 24.42
CA GLU A 184 32.09 -11.96 24.02
C GLU A 184 31.23 -10.71 24.08
N CYS A 185 31.80 -9.67 24.67
CA CYS A 185 31.08 -8.43 24.88
C CYS A 185 31.81 -7.20 24.36
N ILE A 186 31.07 -6.10 24.37
CA ILE A 186 31.60 -4.78 24.12
C ILE A 186 31.16 -3.91 25.30
N LEU A 187 32.06 -3.11 25.85
CA LEU A 187 31.67 -2.11 26.83
C LEU A 187 31.66 -0.75 26.15
N GLU A 188 30.54 -0.04 26.31
CA GLU A 188 30.39 1.29 25.73
C GLU A 188 30.16 2.34 26.80
N LYS A 189 30.81 3.48 26.66
CA LYS A 189 30.55 4.62 27.53
C LYS A 189 29.11 5.04 27.35
N TRP A 190 28.45 5.36 28.46
CA TRP A 190 27.07 5.83 28.43
C TRP A 190 27.01 7.22 27.83
N VAL A 191 26.20 7.37 26.79
CA VAL A 191 25.96 8.65 26.15
C VAL A 191 24.80 9.32 26.88
N PRO A 192 25.04 10.52 27.45
CA PRO A 192 23.91 11.29 27.97
C PRO A 192 23.19 11.92 26.78
N PHE A 193 22.10 11.29 26.35
CA PHE A 193 21.39 11.76 25.17
C PHE A 193 20.02 12.28 25.56
N GLU A 194 19.49 13.17 24.73
CA GLU A 194 18.13 13.68 24.88
C GLU A 194 17.14 12.77 24.14
N LYS A 195 17.41 12.48 22.87
CA LYS A 195 16.52 11.68 22.01
C LYS A 195 17.24 10.54 21.31
N GLU A 196 16.53 9.43 21.07
CA GLU A 196 16.98 8.40 20.12
C GLU A 196 16.33 8.69 18.78
N VAL A 197 17.12 8.66 17.71
CA VAL A 197 16.60 8.93 16.38
C VAL A 197 17.12 7.90 15.38
N SER A 198 16.41 7.76 14.26
CA SER A 198 16.87 6.89 13.19
C SER A 198 16.55 7.46 11.82
N VAL A 199 17.34 7.04 10.84
CA VAL A 199 17.16 7.45 9.46
C VAL A 199 17.23 6.19 8.61
N ILE A 200 16.28 6.04 7.71
CA ILE A 200 16.31 4.97 6.73
C ILE A 200 16.93 5.51 5.43
N VAL A 201 18.01 4.87 4.97
CA VAL A 201 18.63 5.24 3.70
C VAL A 201 18.49 4.12 2.67
N ILE A 202 18.23 4.50 1.43
CA ILE A 202 18.05 3.53 0.35
C ILE A 202 19.11 3.80 -0.72
N ARG A 203 19.69 2.73 -1.23
CA ARG A 203 20.64 2.84 -2.35
C ARG A 203 20.41 1.68 -3.32
N SER A 204 20.11 2.02 -4.57
CA SER A 204 19.80 0.99 -5.56
C SER A 204 21.08 0.32 -6.07
N VAL A 205 20.89 -0.76 -6.81
CA VAL A 205 21.96 -1.48 -7.48
C VAL A 205 22.83 -0.50 -8.29
N SER A 206 22.20 0.46 -8.96
CA SER A 206 22.95 1.43 -9.79
C SER A 206 23.59 2.60 -9.03
N GLY A 207 23.35 2.71 -7.72
CA GLY A 207 23.94 3.78 -6.91
C GLY A 207 23.06 4.99 -6.67
N GLU A 208 21.82 4.97 -7.15
CA GLU A 208 20.86 6.02 -6.79
C GLU A 208 20.55 5.96 -5.28
N THR A 209 20.51 7.12 -4.60
CA THR A 209 20.25 7.14 -3.17
C THR A 209 19.03 8.00 -2.83
N LYS A 210 18.30 7.56 -1.82
CA LYS A 210 17.23 8.36 -1.23
C LYS A 210 17.36 8.21 0.26
N VAL A 211 16.99 9.26 0.98
CA VAL A 211 17.01 9.23 2.44
C VAL A 211 15.64 9.66 2.95
N PHE A 212 15.11 8.90 3.90
CA PHE A 212 13.86 9.22 4.57
C PHE A 212 14.06 10.26 5.68
N PRO A 213 12.97 10.92 6.13
CA PRO A 213 13.09 11.91 7.21
C PRO A 213 13.60 11.30 8.51
N VAL A 214 14.18 12.12 9.39
CA VAL A 214 14.60 11.63 10.69
C VAL A 214 13.39 11.28 11.58
N ALA A 215 13.42 10.09 12.17
CA ALA A 215 12.36 9.67 13.10
C ALA A 215 12.90 9.69 14.52
N GLU A 216 12.08 10.17 15.45
CA GLU A 216 12.39 10.08 16.88
C GLU A 216 11.81 8.78 17.44
N ASN A 217 12.65 7.95 18.05
CA ASN A 217 12.23 6.65 18.52
C ASN A 217 12.17 6.53 20.03
N ILE A 218 11.04 6.03 20.53
CA ILE A 218 10.84 5.83 21.96
C ILE A 218 10.82 4.33 22.25
N HIS A 219 11.84 3.85 22.96
CA HIS A 219 11.95 2.45 23.34
C HIS A 219 11.47 2.25 24.77
N VAL A 220 10.82 1.11 25.00
CA VAL A 220 10.37 0.69 26.34
C VAL A 220 10.71 -0.79 26.49
N ASN A 221 11.43 -1.13 27.55
CA ASN A 221 11.96 -2.50 27.75
C ASN A 221 12.78 -3.01 26.58
N ASN A 222 13.58 -2.13 25.98
CA ASN A 222 14.42 -2.50 24.84
C ASN A 222 13.60 -2.88 23.59
N ILE A 223 12.35 -2.44 23.54
CA ILE A 223 11.49 -2.67 22.36
C ILE A 223 10.93 -1.33 21.92
N LEU A 224 10.94 -1.09 20.61
CA LEU A 224 10.35 0.12 20.07
C LEU A 224 8.87 0.21 20.48
N HIS A 225 8.49 1.39 20.94
CA HIS A 225 7.12 1.71 21.32
C HIS A 225 6.54 2.67 20.27
N GLU A 226 7.16 3.84 20.09
CA GLU A 226 6.72 4.84 19.13
C GLU A 226 7.86 5.39 18.27
N SER A 227 7.54 5.71 17.01
CA SER A 227 8.39 6.54 16.16
C SER A 227 7.60 7.80 15.78
N ILE A 228 8.26 8.94 15.91
CA ILE A 228 7.66 10.25 15.74
C ILE A 228 8.34 10.97 14.59
N VAL A 229 7.57 11.36 13.60
CA VAL A 229 8.13 12.00 12.43
C VAL A 229 7.28 13.21 12.08
N PRO A 230 7.91 14.41 11.98
CA PRO A 230 9.34 14.71 12.13
C PRO A 230 9.82 14.55 13.57
N ALA A 231 11.03 14.04 13.72
CA ALA A 231 11.68 13.96 15.04
C ALA A 231 11.66 15.36 15.68
N ARG A 232 11.39 15.43 16.97
CA ARG A 232 11.30 16.71 17.68
C ARG A 232 12.72 17.21 18.03
N ILE A 233 13.44 17.62 17.00
CA ILE A 233 14.85 18.05 17.14
C ILE A 233 15.09 19.24 16.23
N THR A 234 16.19 19.94 16.45
CA THR A 234 16.53 21.14 15.67
C THR A 234 16.83 20.78 14.21
N GLU A 235 16.69 21.76 13.34
CA GLU A 235 17.00 21.62 11.93
C GLU A 235 18.44 21.17 11.73
N GLU A 236 19.32 21.60 12.65
CA GLU A 236 20.75 21.29 12.58
C GLU A 236 21.01 19.82 12.91
N LEU A 237 20.32 19.30 13.93
CA LEU A 237 20.42 17.89 14.29
C LEU A 237 19.87 16.97 13.18
N SER A 238 18.76 17.38 12.57
CA SER A 238 18.15 16.64 11.46
C SER A 238 19.11 16.55 10.27
N GLN A 239 19.65 17.70 9.87
CA GLN A 239 20.60 17.75 8.77
C GLN A 239 21.81 16.87 9.04
N LYS A 240 22.30 16.89 10.27
CA LYS A 240 23.46 16.08 10.65
C LYS A 240 23.18 14.57 10.58
N ALA A 241 22.03 14.15 11.13
CA ALA A 241 21.63 12.74 11.10
C ALA A 241 21.50 12.25 9.65
N ILE A 242 20.89 13.07 8.80
CA ILE A 242 20.73 12.72 7.37
C ILE A 242 22.08 12.63 6.66
N ALA A 243 22.93 13.63 6.87
CA ALA A 243 24.29 13.64 6.31
C ALA A 243 25.06 12.39 6.75
N TYR A 244 24.97 12.05 8.03
CA TYR A 244 25.69 10.89 8.56
C TYR A 244 25.21 9.63 7.86
N ALA A 245 23.89 9.53 7.67
CA ALA A 245 23.30 8.34 7.07
C ALA A 245 23.72 8.18 5.61
N LYS A 246 23.75 9.29 4.87
CA LYS A 246 24.24 9.29 3.49
C LYS A 246 25.70 8.85 3.39
N VAL A 247 26.56 9.38 4.25
CA VAL A 247 27.98 9.01 4.22
C VAL A 247 28.17 7.52 4.51
N LEU A 248 27.45 7.00 5.52
CA LEU A 248 27.44 5.56 5.80
C LEU A 248 27.06 4.71 4.58
N ALA A 249 25.94 5.04 3.96
CA ALA A 249 25.48 4.33 2.77
C ALA A 249 26.56 4.29 1.70
N ASP A 250 27.19 5.44 1.46
CA ASP A 250 28.27 5.53 0.49
C ASP A 250 29.48 4.67 0.87
N GLU A 251 29.99 4.90 2.09
CA GLU A 251 31.20 4.23 2.54
C GLU A 251 31.04 2.71 2.65
N LEU A 252 29.85 2.27 3.02
CA LEU A 252 29.57 0.83 3.12
C LEU A 252 29.09 0.22 1.80
N GLU A 253 29.02 1.06 0.76
CA GLU A 253 28.53 0.63 -0.57
C GLU A 253 27.20 -0.12 -0.48
N LEU A 254 26.26 0.49 0.23
CA LEU A 254 24.95 -0.11 0.45
C LEU A 254 24.24 -0.41 -0.87
N VAL A 255 23.63 -1.57 -0.94
CA VAL A 255 22.59 -1.83 -1.92
C VAL A 255 21.39 -2.35 -1.13
N GLY A 256 20.24 -1.72 -1.33
CA GLY A 256 19.04 -2.04 -0.57
C GLY A 256 18.75 -0.99 0.47
N THR A 257 18.43 -1.45 1.68
CA THR A 257 17.89 -0.62 2.75
C THR A 257 18.86 -0.66 3.92
N LEU A 258 19.11 0.50 4.52
CA LEU A 258 19.89 0.59 5.76
C LEU A 258 19.21 1.51 6.79
N ALA A 259 18.88 0.94 7.95
CA ALA A 259 18.39 1.75 9.06
C ALA A 259 19.56 2.16 9.93
N VAL A 260 19.72 3.46 10.18
CA VAL A 260 20.81 3.95 11.02
C VAL A 260 20.22 4.52 12.29
N GLU A 261 20.40 3.81 13.39
CA GLU A 261 19.90 4.26 14.70
C GLU A 261 21.00 5.04 15.39
N MET A 262 20.57 6.12 16.07
CA MET A 262 21.48 7.14 16.58
C MET A 262 21.00 7.66 17.93
N PHE A 263 21.93 8.28 18.65
CA PHE A 263 21.63 9.07 19.85
C PHE A 263 21.86 10.54 19.52
N ALA A 264 20.91 11.39 19.90
CA ALA A 264 21.02 12.84 19.73
C ALA A 264 21.10 13.48 21.11
N THR A 265 22.15 14.25 21.36
CA THR A 265 22.29 14.90 22.67
C THR A 265 21.68 16.30 22.67
N ALA A 266 21.47 16.85 23.87
CA ALA A 266 20.94 18.21 24.04
C ALA A 266 21.88 19.22 23.39
N ASP A 267 23.18 18.92 23.44
CA ASP A 267 24.23 19.77 22.87
C ASP A 267 24.41 19.62 21.36
N GLY A 268 23.48 18.92 20.72
CA GLY A 268 23.47 18.82 19.27
C GLY A 268 24.48 17.86 18.67
N GLU A 269 24.95 16.90 19.45
CA GLU A 269 25.80 15.86 18.86
C GLU A 269 25.03 14.56 18.55
N ILE A 270 25.49 13.88 17.51
CA ILE A 270 24.92 12.62 17.08
C ILE A 270 25.98 11.53 17.26
N TYR A 271 25.59 10.42 17.89
CA TYR A 271 26.41 9.20 17.89
C TYR A 271 25.65 8.07 17.21
N ILE A 272 26.33 7.33 16.34
CA ILE A 272 25.71 6.15 15.71
C ILE A 272 25.65 5.01 16.73
N ASN A 273 24.46 4.47 16.89
CA ASN A 273 24.16 3.39 17.85
C ASN A 273 24.33 2.02 17.18
N GLU A 274 23.46 1.71 16.21
CA GLU A 274 23.55 0.45 15.48
C GLU A 274 22.83 0.50 14.12
N LEU A 275 23.16 -0.47 13.27
CA LEU A 275 22.73 -0.54 11.89
C LEU A 275 21.85 -1.77 11.66
N ALA A 276 20.85 -1.65 10.81
CA ALA A 276 20.11 -2.83 10.35
C ALA A 276 20.05 -2.78 8.83
N PRO A 277 20.66 -3.77 8.17
CA PRO A 277 20.70 -3.76 6.71
C PRO A 277 19.43 -4.36 6.09
N ARG A 278 18.30 -3.75 6.42
CA ARG A 278 16.97 -4.21 6.00
C ARG A 278 15.98 -3.13 6.36
N PRO A 279 14.74 -3.22 5.83
CA PRO A 279 13.65 -2.46 6.39
C PRO A 279 13.61 -2.70 7.90
N HIS A 280 13.19 -1.69 8.63
CA HIS A 280 13.28 -1.66 10.08
C HIS A 280 11.98 -1.15 10.69
N ASN A 281 11.70 -1.61 11.92
CA ASN A 281 10.52 -1.18 12.70
C ASN A 281 10.38 0.34 12.75
N SER A 282 11.49 1.07 12.87
CA SER A 282 11.46 2.53 12.97
C SER A 282 11.12 3.22 11.66
N GLY A 283 10.95 2.44 10.59
CA GLY A 283 10.54 2.97 9.29
C GLY A 283 9.12 2.64 8.86
N HIS A 284 8.34 1.98 9.73
CA HIS A 284 6.97 1.58 9.34
C HIS A 284 6.07 2.78 9.08
N TYR A 285 6.38 3.90 9.73
CA TYR A 285 5.64 5.16 9.49
C TYR A 285 5.54 5.53 8.01
N THR A 286 6.53 5.09 7.23
CA THR A 286 6.63 5.45 5.81
C THR A 286 5.49 4.88 4.97
N GLN A 287 4.86 3.81 5.47
CA GLN A 287 3.76 3.19 4.77
C GLN A 287 2.59 4.15 4.56
N ASP A 288 2.34 5.02 5.52
CA ASP A 288 1.19 5.92 5.43
C ASP A 288 1.53 7.39 5.32
N ALA A 289 2.75 7.76 5.69
CA ALA A 289 3.10 9.17 5.78
C ALA A 289 4.05 9.69 4.70
N CYS A 290 4.65 8.77 3.92
CA CYS A 290 5.64 9.16 2.92
C CYS A 290 5.15 8.83 1.53
N GLU A 291 5.76 9.50 0.56
CA GLU A 291 5.42 9.31 -0.84
C GLU A 291 5.70 7.88 -1.32
N THR A 292 6.78 7.27 -0.80
CA THR A 292 7.06 5.83 -1.02
C THR A 292 7.35 5.19 0.35
N SER A 293 6.95 3.94 0.55
CA SER A 293 7.28 3.27 1.79
C SER A 293 8.68 2.66 1.73
N GLN A 294 9.27 2.40 2.89
CA GLN A 294 10.58 1.72 2.91
C GLN A 294 10.53 0.39 2.19
N PHE A 295 9.35 -0.24 2.15
CA PHE A 295 9.19 -1.53 1.49
C PHE A 295 9.15 -1.40 -0.02
N GLY A 296 8.37 -0.43 -0.51
CA GLY A 296 8.38 -0.07 -1.94
C GLY A 296 9.78 0.30 -2.38
N GLN A 297 10.50 1.05 -1.54
CA GLN A 297 11.86 1.47 -1.84
C GLN A 297 12.82 0.29 -1.90
N HIS A 298 12.69 -0.62 -0.94
CA HIS A 298 13.56 -1.78 -0.87
C HIS A 298 13.47 -2.61 -2.15
N ILE A 299 12.23 -2.88 -2.59
CA ILE A 299 11.99 -3.62 -3.85
C ILE A 299 12.61 -2.90 -5.05
N ARG A 300 12.33 -1.61 -5.19
CA ARG A 300 12.93 -0.79 -6.27
C ARG A 300 14.45 -0.87 -6.25
N ALA A 301 15.02 -0.77 -5.06
CA ALA A 301 16.48 -0.77 -4.90
C ALA A 301 17.13 -2.06 -5.38
N ILE A 302 16.60 -3.19 -4.96
CA ILE A 302 17.21 -4.47 -5.35
C ILE A 302 16.88 -4.86 -6.79
N CYS A 303 15.74 -4.40 -7.29
CA CYS A 303 15.34 -4.69 -8.67
C CYS A 303 15.96 -3.69 -9.65
N ASN A 304 16.63 -2.68 -9.10
CA ASN A 304 17.26 -1.61 -9.87
C ASN A 304 16.26 -0.79 -10.69
N LEU A 305 15.11 -0.52 -10.08
CA LEU A 305 14.16 0.44 -10.65
C LEU A 305 14.49 1.82 -10.12
N PRO A 306 13.99 2.88 -10.78
CA PRO A 306 14.17 4.22 -10.20
C PRO A 306 13.55 4.24 -8.81
N LEU A 307 14.22 4.89 -7.88
CA LEU A 307 13.71 4.98 -6.52
C LEU A 307 12.57 5.99 -6.49
N GLY A 308 11.62 5.77 -5.59
CA GLY A 308 10.55 6.74 -5.37
C GLY A 308 11.01 7.88 -4.48
N GLU A 309 10.16 8.89 -4.33
CA GLU A 309 10.48 10.01 -3.44
C GLU A 309 10.19 9.65 -1.98
N THR A 310 10.89 10.32 -1.06
CA THR A 310 10.75 10.05 0.37
C THR A 310 10.11 11.18 1.17
N ASN A 311 9.48 12.13 0.47
CA ASN A 311 8.86 13.27 1.13
C ASN A 311 7.90 12.84 2.21
N LEU A 312 8.00 13.48 3.37
CA LEU A 312 6.99 13.34 4.41
C LEU A 312 5.76 14.14 3.99
N LEU A 313 4.64 13.44 3.77
CA LEU A 313 3.42 14.07 3.28
C LEU A 313 2.48 14.48 4.39
N LYS A 314 2.67 13.91 5.58
CA LYS A 314 1.90 14.26 6.76
C LYS A 314 2.66 13.77 8.00
N PRO A 315 2.64 14.57 9.09
CA PRO A 315 3.31 14.09 10.31
C PRO A 315 2.61 12.84 10.87
N VAL A 316 3.37 12.02 11.59
CA VAL A 316 2.91 10.69 11.96
C VAL A 316 3.53 10.23 13.28
N VAL A 317 2.74 9.49 14.06
CA VAL A 317 3.27 8.68 15.15
C VAL A 317 2.97 7.22 14.85
N MET A 318 4.02 6.40 14.72
CA MET A 318 3.82 4.98 14.62
C MET A 318 3.81 4.41 16.03
N VAL A 319 2.82 3.58 16.35
CA VAL A 319 2.80 2.90 17.63
C VAL A 319 2.79 1.39 17.40
N ASN A 320 3.70 0.69 18.06
CA ASN A 320 3.77 -0.76 17.93
C ASN A 320 2.64 -1.45 18.69
N ILE A 321 2.14 -2.54 18.11
CA ILE A 321 1.14 -3.40 18.70
C ILE A 321 1.78 -4.75 19.05
N LEU A 322 2.05 -4.94 20.34
CA LEU A 322 2.58 -6.23 20.81
C LEU A 322 1.42 -7.17 21.19
N GLY A 323 1.74 -8.44 21.45
CA GLY A 323 0.75 -9.43 21.92
C GLY A 323 -0.08 -8.90 23.08
N GLU A 324 0.58 -8.20 24.00
CA GLU A 324 -0.12 -7.60 25.14
C GLU A 324 -1.06 -6.43 24.76
N HIS A 325 -1.04 -5.99 23.50
CA HIS A 325 -1.88 -4.87 23.06
C HIS A 325 -3.01 -5.24 22.11
N ILE A 326 -2.94 -6.41 21.49
CA ILE A 326 -3.87 -6.73 20.40
C ILE A 326 -5.34 -6.72 20.86
N GLU A 327 -5.62 -7.27 22.03
CA GLU A 327 -7.00 -7.26 22.55
C GLU A 327 -7.53 -5.85 22.72
N GLY A 328 -6.71 -4.94 23.26
CA GLY A 328 -7.11 -3.53 23.39
C GLY A 328 -7.34 -2.84 22.06
N VAL A 329 -6.51 -3.15 21.06
CA VAL A 329 -6.69 -2.60 19.72
C VAL A 329 -8.04 -3.02 19.11
N LEU A 330 -8.31 -4.33 19.17
CA LEU A 330 -9.54 -4.91 18.60
C LEU A 330 -10.81 -4.41 19.30
N ARG A 331 -10.72 -4.20 20.62
CA ARG A 331 -11.84 -3.65 21.40
C ARG A 331 -12.08 -2.17 21.07
N GLN A 332 -10.99 -1.45 20.78
CA GLN A 332 -11.05 -0.02 20.56
C GLN A 332 -11.12 0.33 19.07
N VAL A 333 -11.48 -0.64 18.24
CA VAL A 333 -11.41 -0.49 16.79
C VAL A 333 -12.28 0.67 16.28
N ASN A 334 -13.43 0.86 16.92
CA ASN A 334 -14.32 1.97 16.60
C ASN A 334 -13.76 3.34 16.96
N ARG A 335 -12.64 3.39 17.67
CA ARG A 335 -12.04 4.66 18.06
C ARG A 335 -10.79 5.02 17.23
N LEU A 336 -10.57 4.28 16.14
CA LEU A 336 -9.35 4.40 15.35
C LEU A 336 -9.38 5.41 14.20
N THR A 337 -10.22 6.44 14.31
CA THR A 337 -10.22 7.56 13.36
C THR A 337 -8.83 8.24 13.28
N GLY A 338 -8.38 8.54 12.07
CA GLY A 338 -7.06 9.15 11.86
C GLY A 338 -5.89 8.21 12.10
N CYS A 339 -6.21 6.93 12.33
CA CYS A 339 -5.22 5.89 12.64
C CYS A 339 -5.25 4.85 11.52
N TYR A 340 -4.06 4.38 11.13
CA TYR A 340 -3.94 3.45 10.02
C TYR A 340 -3.32 2.16 10.50
N LEU A 341 -4.20 1.15 10.60
CA LEU A 341 -3.88 -0.09 11.26
C LEU A 341 -3.21 -1.07 10.33
N HIS A 342 -2.13 -1.69 10.82
CA HIS A 342 -1.43 -2.74 10.11
C HIS A 342 -1.30 -3.94 11.04
N LEU A 343 -1.82 -5.09 10.62
CA LEU A 343 -1.70 -6.32 11.40
C LEU A 343 -1.12 -7.44 10.54
N TYR A 344 -0.20 -8.19 11.13
CA TYR A 344 0.72 -9.03 10.36
C TYR A 344 0.25 -10.46 10.09
N GLY A 345 -0.87 -10.85 10.67
CA GLY A 345 -1.42 -12.17 10.43
C GLY A 345 -0.76 -13.30 11.23
N LYS A 346 -0.11 -12.97 12.34
CA LYS A 346 0.45 -13.98 13.25
C LYS A 346 -0.67 -14.62 14.08
N GLU A 347 -0.62 -15.95 14.22
CA GLU A 347 -1.65 -16.71 14.96
C GLU A 347 -1.43 -16.60 16.46
N GLU A 348 -0.22 -16.93 16.87
CA GLU A 348 0.14 -16.99 18.28
C GLU A 348 0.55 -15.61 18.75
N ALA A 349 -0.09 -15.13 19.82
CA ALA A 349 0.14 -13.78 20.33
C ALA A 349 0.94 -13.70 21.65
N LYS A 350 2.23 -14.02 21.60
CA LYS A 350 3.08 -13.85 22.79
C LYS A 350 3.16 -12.38 23.22
N ALA A 351 3.35 -12.15 24.52
CA ALA A 351 3.24 -10.82 25.13
C ALA A 351 4.09 -9.72 24.50
N GLN A 352 5.33 -10.05 24.11
CA GLN A 352 6.25 -9.08 23.53
C GLN A 352 6.44 -9.27 22.03
N ARG A 353 5.65 -10.17 21.43
CA ARG A 353 5.72 -10.38 19.99
C ARG A 353 5.05 -9.21 19.28
N LYS A 354 5.68 -8.75 18.19
CA LYS A 354 5.15 -7.66 17.39
C LYS A 354 4.02 -8.22 16.50
N MET A 355 2.79 -7.83 16.81
CA MET A 355 1.59 -8.32 16.10
C MET A 355 1.14 -7.37 14.98
N GLY A 356 1.49 -6.08 15.11
CA GLY A 356 1.21 -5.11 14.08
C GLY A 356 1.71 -3.74 14.47
N HIS A 357 1.24 -2.71 13.79
CA HIS A 357 1.52 -1.33 14.18
C HIS A 357 0.38 -0.42 13.76
N VAL A 358 0.29 0.76 14.37
CA VAL A 358 -0.69 1.72 13.92
C VAL A 358 0.02 3.06 13.65
N ASN A 359 -0.19 3.59 12.44
CA ASN A 359 0.31 4.90 12.06
C ASN A 359 -0.77 5.96 12.27
N ILE A 360 -0.50 6.87 13.19
CA ILE A 360 -1.47 7.91 13.55
C ILE A 360 -1.01 9.18 12.84
N LEU A 361 -1.80 9.62 11.86
CA LEU A 361 -1.49 10.79 11.05
C LEU A 361 -2.25 11.98 11.57
N ASN A 362 -1.57 13.12 11.64
CA ASN A 362 -2.18 14.37 12.09
C ASN A 362 -1.25 15.52 11.71
N ASP A 363 -1.82 16.66 11.34
CA ASP A 363 -1.03 17.87 11.06
C ASP A 363 -0.21 18.32 12.27
N ASN A 364 -0.68 17.93 13.47
CA ASN A 364 -0.02 18.28 14.72
C ASN A 364 0.46 17.03 15.44
N ILE A 365 1.79 16.88 15.52
CA ILE A 365 2.43 15.74 16.18
C ILE A 365 1.93 15.50 17.62
N GLU A 366 1.72 16.57 18.38
CA GLU A 366 1.26 16.43 19.76
C GLU A 366 -0.16 15.85 19.84
N VAL A 367 -1.01 16.21 18.89
CA VAL A 367 -2.36 15.63 18.80
C VAL A 367 -2.26 14.11 18.55
N ALA A 368 -1.38 13.70 17.64
CA ALA A 368 -1.15 12.27 17.38
C ALA A 368 -0.70 11.53 18.65
N LEU A 369 0.30 12.08 19.34
CA LEU A 369 0.75 11.48 20.61
C LEU A 369 -0.40 11.36 21.61
N GLU A 370 -1.19 12.43 21.73
CA GLU A 370 -2.34 12.48 22.62
C GLU A 370 -3.34 11.38 22.27
N LYS A 371 -3.55 11.17 20.97
CA LYS A 371 -4.48 10.15 20.50
C LYS A 371 -4.08 8.75 20.98
N ALA A 372 -2.80 8.42 20.87
CA ALA A 372 -2.29 7.13 21.37
C ALA A 372 -2.60 6.91 22.87
N LYS A 373 -2.33 7.93 23.68
CA LYS A 373 -2.59 7.88 25.12
C LYS A 373 -4.08 7.74 25.43
N SER A 374 -4.89 8.55 24.76
CA SER A 374 -6.35 8.57 24.98
C SER A 374 -7.02 7.24 24.66
N LEU A 375 -6.39 6.43 23.83
CA LEU A 375 -6.88 5.09 23.51
C LEU A 375 -6.74 4.08 24.64
N HIS A 376 -5.83 4.36 25.59
CA HIS A 376 -5.59 3.51 26.75
C HIS A 376 -5.27 2.06 26.42
N ILE A 377 -4.47 1.87 25.38
CA ILE A 377 -4.01 0.55 24.98
C ILE A 377 -2.59 0.36 25.51
N TRP A 378 -1.82 1.44 25.52
CA TRP A 378 -0.39 1.37 25.84
C TRP A 378 -0.04 1.95 27.22
N ASP A 379 -1.00 1.96 28.15
CA ASP A 379 -0.77 2.44 29.53
C ASP A 379 0.46 1.84 30.20
N HIS A 380 0.72 0.56 29.93
CA HIS A 380 1.90 -0.15 30.43
C HIS A 380 3.18 0.55 30.00
N GLN A 381 3.30 0.84 28.70
CA GLN A 381 4.46 1.51 28.14
C GLN A 381 4.55 2.94 28.67
N GLU A 382 3.41 3.62 28.70
CA GLU A 382 3.34 4.99 29.20
C GLU A 382 3.73 5.11 30.68
N GLN A 383 3.34 4.12 31.49
CA GLN A 383 3.70 4.03 32.92
C GLN A 383 2.97 5.06 33.83
N MET B 7 -25.39 -3.25 11.30
CA MET B 7 -25.90 -1.97 11.84
C MET B 7 -24.84 -1.37 12.76
N THR B 8 -24.56 -2.10 13.84
CA THR B 8 -23.40 -1.88 14.69
C THR B 8 -22.41 -3.03 14.45
N ARG B 9 -22.73 -3.87 13.47
CA ARG B 9 -21.95 -5.06 13.18
C ARG B 9 -20.56 -4.69 12.66
N ILE B 10 -19.54 -5.24 13.30
CA ILE B 10 -18.15 -4.96 12.92
C ILE B 10 -17.49 -6.27 12.52
N ILE B 11 -16.82 -6.26 11.36
CA ILE B 11 -16.03 -7.39 10.90
C ILE B 11 -14.57 -7.08 11.23
N LEU B 12 -14.05 -7.78 12.24
CA LEU B 12 -12.74 -7.44 12.82
C LEU B 12 -11.60 -8.01 12.00
N PRO B 13 -10.44 -7.29 11.99
CA PRO B 13 -9.24 -7.85 11.38
C PRO B 13 -9.03 -9.29 11.84
N GLY B 14 -8.54 -10.14 10.97
CA GLY B 14 -8.42 -11.58 11.25
C GLY B 14 -9.50 -12.41 10.59
N LYS B 15 -10.68 -11.79 10.36
CA LYS B 15 -11.80 -12.45 9.70
C LYS B 15 -11.54 -12.56 8.20
N THR B 16 -12.40 -13.29 7.51
CA THR B 16 -12.26 -13.53 6.08
C THR B 16 -13.25 -12.69 5.27
N ILE B 17 -12.72 -11.93 4.30
CA ILE B 17 -13.54 -11.19 3.36
C ILE B 17 -13.60 -11.99 2.06
N GLY B 18 -14.83 -12.27 1.61
CA GLY B 18 -15.04 -12.96 0.34
C GLY B 18 -15.32 -11.96 -0.77
N ILE B 19 -14.66 -12.15 -1.89
CA ILE B 19 -14.80 -11.26 -3.04
C ILE B 19 -15.31 -12.02 -4.26
N ILE B 20 -16.41 -11.54 -4.83
CA ILE B 20 -16.93 -12.08 -6.08
C ILE B 20 -16.31 -11.34 -7.26
N GLY B 21 -15.40 -12.03 -7.95
CA GLY B 21 -14.69 -11.47 -9.12
C GLY B 21 -13.22 -11.32 -8.78
N GLY B 22 -12.35 -11.79 -9.68
CA GLY B 22 -10.91 -11.80 -9.40
C GLY B 22 -10.08 -10.84 -10.23
N GLY B 23 -10.71 -9.82 -10.81
CA GLY B 23 -9.99 -8.83 -11.61
C GLY B 23 -9.13 -7.91 -10.74
N GLN B 24 -8.57 -6.87 -11.37
CA GLN B 24 -7.66 -5.94 -10.70
C GLN B 24 -8.30 -5.23 -9.50
N LEU B 25 -9.60 -4.95 -9.58
CA LEU B 25 -10.28 -4.26 -8.48
C LEU B 25 -10.31 -5.13 -7.23
N GLY B 26 -10.61 -6.41 -7.40
CA GLY B 26 -10.56 -7.37 -6.28
C GLY B 26 -9.14 -7.57 -5.75
N ARG B 27 -8.16 -7.61 -6.65
CA ARG B 27 -6.75 -7.74 -6.25
C ARG B 27 -6.36 -6.59 -5.34
N MET B 28 -6.69 -5.36 -5.74
CA MET B 28 -6.35 -4.20 -4.94
C MET B 28 -7.15 -4.08 -3.66
N MET B 29 -8.42 -4.48 -3.67
CA MET B 29 -9.20 -4.63 -2.43
C MET B 29 -8.46 -5.58 -1.49
N ALA B 30 -7.97 -6.69 -2.06
CA ALA B 30 -7.34 -7.75 -1.27
C ALA B 30 -6.04 -7.27 -0.63
N LEU B 31 -5.21 -6.59 -1.41
CA LEU B 31 -3.94 -6.08 -0.89
C LEU B 31 -4.15 -5.11 0.27
N ALA B 32 -5.14 -4.23 0.15
CA ALA B 32 -5.50 -3.30 1.22
C ALA B 32 -5.98 -4.05 2.46
N ALA B 33 -6.83 -5.05 2.26
CA ALA B 33 -7.35 -5.85 3.37
C ALA B 33 -6.24 -6.65 4.07
N LYS B 34 -5.26 -7.11 3.31
CA LYS B 34 -4.12 -7.87 3.86
C LYS B 34 -3.26 -7.04 4.80
N GLU B 35 -3.10 -5.75 4.49
CA GLU B 35 -2.34 -4.85 5.35
C GLU B 35 -2.96 -4.79 6.74
N MET B 36 -4.29 -4.84 6.79
CA MET B 36 -5.04 -4.79 8.04
C MET B 36 -5.21 -6.15 8.72
N GLY B 37 -4.71 -7.22 8.10
CA GLY B 37 -4.73 -8.55 8.72
C GLY B 37 -5.96 -9.41 8.43
N TYR B 38 -6.71 -9.05 7.39
CA TYR B 38 -7.83 -9.87 6.93
C TYR B 38 -7.35 -11.01 6.06
N LYS B 39 -8.08 -12.13 6.10
CA LYS B 39 -7.93 -13.20 5.14
C LYS B 39 -8.85 -12.91 3.95
N ILE B 40 -8.51 -13.47 2.79
CA ILE B 40 -9.26 -13.19 1.55
C ILE B 40 -9.63 -14.47 0.81
N ALA B 41 -10.91 -14.56 0.47
CA ALA B 41 -11.44 -15.61 -0.39
C ALA B 41 -11.95 -14.97 -1.67
N VAL B 42 -11.69 -15.60 -2.81
CA VAL B 42 -12.17 -15.06 -4.09
C VAL B 42 -12.83 -16.11 -4.97
N LEU B 43 -13.93 -15.73 -5.60
CA LEU B 43 -14.56 -16.54 -6.65
C LEU B 43 -14.37 -15.88 -8.02
N ASP B 44 -13.73 -16.60 -8.95
CA ASP B 44 -13.52 -16.13 -10.32
C ASP B 44 -13.52 -17.34 -11.27
N PRO B 45 -14.11 -17.17 -12.48
CA PRO B 45 -14.21 -18.27 -13.45
C PRO B 45 -12.89 -18.78 -14.02
N THR B 46 -11.82 -17.99 -13.93
CA THR B 46 -10.52 -18.43 -14.47
C THR B 46 -9.48 -18.57 -13.37
N LYS B 47 -8.72 -19.66 -13.43
CA LYS B 47 -7.64 -19.94 -12.48
C LYS B 47 -6.52 -18.87 -12.48
N ASN B 48 -6.01 -18.57 -11.28
CA ASN B 48 -4.89 -17.64 -11.09
C ASN B 48 -5.20 -16.21 -11.56
N SER B 49 -6.41 -15.75 -11.24
CA SER B 49 -6.82 -14.37 -11.54
C SER B 49 -5.95 -13.37 -10.75
N PRO B 50 -5.92 -12.10 -11.19
CA PRO B 50 -5.18 -11.09 -10.43
C PRO B 50 -5.41 -11.16 -8.92
N CYS B 51 -6.68 -11.32 -8.51
CA CYS B 51 -7.04 -11.39 -7.09
C CYS B 51 -6.60 -12.71 -6.44
N ALA B 52 -6.79 -13.83 -7.14
CA ALA B 52 -6.35 -15.15 -6.63
C ALA B 52 -4.87 -15.15 -6.23
N GLN B 53 -4.06 -14.40 -6.96
CA GLN B 53 -2.63 -14.23 -6.69
C GLN B 53 -2.31 -13.59 -5.33
N VAL B 54 -3.34 -13.04 -4.70
CA VAL B 54 -3.18 -12.41 -3.38
C VAL B 54 -4.10 -13.03 -2.31
N ALA B 55 -5.09 -13.80 -2.75
CA ALA B 55 -6.08 -14.38 -1.85
C ALA B 55 -5.55 -15.65 -1.17
N ASP B 56 -6.08 -15.92 0.02
CA ASP B 56 -5.76 -17.16 0.73
C ASP B 56 -6.49 -18.35 0.13
N ILE B 57 -7.71 -18.13 -0.34
CA ILE B 57 -8.53 -19.21 -0.89
C ILE B 57 -9.12 -18.80 -2.23
N GLU B 58 -8.96 -19.67 -3.21
CA GLU B 58 -9.44 -19.45 -4.56
C GLU B 58 -10.55 -20.45 -4.91
N ILE B 59 -11.69 -19.94 -5.37
CA ILE B 59 -12.78 -20.78 -5.90
C ILE B 59 -12.94 -20.50 -7.40
N VAL B 60 -12.50 -21.45 -8.22
CA VAL B 60 -12.63 -21.32 -9.67
C VAL B 60 -13.99 -21.87 -10.08
N ALA B 61 -14.86 -20.97 -10.55
CA ALA B 61 -16.24 -21.30 -10.89
C ALA B 61 -16.94 -20.11 -11.56
N SER B 62 -18.02 -20.40 -12.28
CA SER B 62 -18.84 -19.36 -12.91
C SER B 62 -19.55 -18.50 -11.87
N TYR B 63 -19.88 -17.27 -12.25
CA TYR B 63 -20.62 -16.35 -11.37
C TYR B 63 -22.06 -16.78 -11.11
N ASP B 64 -22.63 -17.54 -12.06
CA ASP B 64 -23.98 -18.08 -11.89
C ASP B 64 -24.02 -19.44 -11.14
N ASP B 65 -22.83 -19.98 -10.82
CA ASP B 65 -22.71 -21.24 -10.08
C ASP B 65 -23.13 -21.04 -8.63
N LEU B 66 -24.42 -21.22 -8.39
CA LEU B 66 -25.03 -21.03 -7.08
C LEU B 66 -24.36 -21.86 -5.98
N LYS B 67 -23.86 -23.04 -6.34
CA LYS B 67 -23.20 -23.93 -5.39
C LYS B 67 -21.86 -23.35 -4.93
N ALA B 68 -21.06 -22.88 -5.87
CA ALA B 68 -19.77 -22.25 -5.57
C ALA B 68 -19.95 -20.94 -4.79
N ILE B 69 -20.99 -20.18 -5.13
CA ILE B 69 -21.38 -18.98 -4.38
C ILE B 69 -21.71 -19.31 -2.92
N GLN B 70 -22.37 -20.44 -2.69
CA GLN B 70 -22.65 -20.90 -1.33
C GLN B 70 -21.34 -21.24 -0.60
N HIS B 71 -20.42 -21.89 -1.32
CA HIS B 71 -19.10 -22.21 -0.78
C HIS B 71 -18.36 -20.92 -0.35
N LEU B 72 -18.38 -19.91 -1.21
CA LEU B 72 -17.80 -18.60 -0.86
C LEU B 72 -18.44 -18.02 0.40
N ALA B 73 -19.77 -18.07 0.46
CA ALA B 73 -20.53 -17.59 1.61
C ALA B 73 -20.15 -18.29 2.92
N GLU B 74 -19.87 -19.59 2.84
CA GLU B 74 -19.53 -20.41 4.02
C GLU B 74 -18.17 -20.10 4.65
N ILE B 75 -17.18 -19.82 3.81
CA ILE B 75 -15.82 -19.57 4.28
C ILE B 75 -15.53 -18.09 4.54
N SER B 76 -16.52 -17.23 4.28
CA SER B 76 -16.38 -15.78 4.42
C SER B 76 -17.20 -15.22 5.58
N ASP B 77 -16.66 -14.22 6.24
CA ASP B 77 -17.38 -13.53 7.31
C ASP B 77 -18.17 -12.35 6.73
N VAL B 78 -17.70 -11.86 5.58
CA VAL B 78 -18.39 -10.80 4.85
C VAL B 78 -18.09 -11.00 3.37
N VAL B 79 -19.03 -10.62 2.52
CA VAL B 79 -18.89 -10.76 1.07
C VAL B 79 -19.12 -9.42 0.38
N THR B 80 -18.30 -9.15 -0.62
CA THR B 80 -18.39 -7.96 -1.45
C THR B 80 -18.16 -8.43 -2.87
N TYR B 81 -18.48 -7.58 -3.84
CA TYR B 81 -18.25 -7.91 -5.22
C TYR B 81 -17.37 -6.84 -5.86
N GLU B 82 -16.58 -7.24 -6.84
CA GLU B 82 -15.90 -6.29 -7.69
C GLU B 82 -16.41 -6.44 -9.12
N PHE B 83 -16.82 -7.66 -9.48
CA PHE B 83 -17.43 -7.94 -10.79
C PHE B 83 -18.84 -7.33 -10.80
N GLU B 84 -19.05 -6.39 -11.72
CA GLU B 84 -20.25 -5.56 -11.70
C GLU B 84 -21.39 -6.10 -12.57
N ASN B 85 -21.07 -7.07 -13.43
CA ASN B 85 -22.08 -7.73 -14.26
C ASN B 85 -22.67 -8.99 -13.65
N ILE B 86 -22.43 -9.18 -12.35
CA ILE B 86 -23.01 -10.30 -11.60
C ILE B 86 -24.54 -10.22 -11.61
N ASP B 87 -25.20 -11.37 -11.73
CA ASP B 87 -26.66 -11.44 -11.70
C ASP B 87 -27.14 -11.13 -10.29
N TYR B 88 -28.00 -10.12 -10.15
CA TYR B 88 -28.42 -9.67 -8.82
C TYR B 88 -29.30 -10.67 -8.06
N ARG B 89 -29.75 -11.72 -8.74
CA ARG B 89 -30.45 -12.83 -8.08
C ARG B 89 -29.49 -13.56 -7.14
N CYS B 90 -28.24 -13.69 -7.58
CA CYS B 90 -27.18 -14.29 -6.75
C CYS B 90 -26.86 -13.45 -5.53
N LEU B 91 -26.87 -12.11 -5.70
CA LEU B 91 -26.68 -11.19 -4.58
C LEU B 91 -27.87 -11.17 -3.63
N GLN B 92 -29.05 -11.48 -4.16
CA GLN B 92 -30.25 -11.61 -3.34
C GLN B 92 -30.15 -12.82 -2.42
N TRP B 93 -29.56 -13.90 -2.94
CA TRP B 93 -29.30 -15.11 -2.16
C TRP B 93 -28.36 -14.83 -0.99
N LEU B 94 -27.27 -14.11 -1.29
CA LEU B 94 -26.23 -13.80 -0.32
C LEU B 94 -26.68 -12.89 0.81
N GLU B 95 -27.48 -11.86 0.51
CA GLU B 95 -27.92 -10.93 1.55
C GLU B 95 -28.87 -11.59 2.56
N LYS B 96 -29.46 -12.72 2.17
CA LYS B 96 -30.38 -13.45 3.03
C LYS B 96 -29.70 -14.61 3.77
N HIS B 97 -28.74 -15.27 3.12
CA HIS B 97 -28.08 -16.43 3.72
C HIS B 97 -26.60 -16.22 4.14
N ALA B 98 -26.02 -15.10 3.73
CA ALA B 98 -24.67 -14.72 4.15
C ALA B 98 -24.68 -13.24 4.56
N TYR B 99 -23.51 -12.62 4.71
CA TYR B 99 -23.47 -11.21 5.07
C TYR B 99 -22.97 -10.35 3.90
N LEU B 100 -23.90 -9.65 3.27
CA LEU B 100 -23.58 -8.79 2.13
C LEU B 100 -24.08 -7.38 2.44
N PRO B 101 -23.30 -6.60 3.21
CA PRO B 101 -23.78 -5.29 3.68
C PRO B 101 -24.11 -4.30 2.55
N GLN B 102 -23.49 -4.47 1.39
CA GLN B 102 -23.80 -3.63 0.22
C GLN B 102 -25.24 -3.78 -0.27
N GLY B 103 -25.82 -4.96 -0.03
CA GLY B 103 -27.15 -5.31 -0.54
C GLY B 103 -27.16 -5.60 -2.04
N SER B 104 -28.33 -5.96 -2.54
CA SER B 104 -28.53 -6.27 -3.94
C SER B 104 -29.16 -5.09 -4.70
N GLN B 105 -29.83 -4.21 -3.98
CA GLN B 105 -30.62 -3.13 -4.57
C GLN B 105 -29.78 -2.21 -5.43
N LEU B 106 -28.68 -1.69 -4.86
CA LEU B 106 -27.89 -0.67 -5.56
C LEU B 106 -27.26 -1.21 -6.84
N LEU B 107 -26.81 -2.45 -6.78
CA LEU B 107 -26.26 -3.11 -7.95
C LEU B 107 -27.31 -3.17 -9.07
N SER B 108 -28.53 -3.57 -8.72
CA SER B 108 -29.62 -3.68 -9.70
C SER B 108 -29.97 -2.33 -10.33
N LYS B 109 -29.92 -1.26 -9.53
CA LYS B 109 -30.20 0.08 -10.03
C LYS B 109 -29.13 0.62 -10.97
N THR B 110 -27.87 0.26 -10.73
CA THR B 110 -26.73 0.86 -11.44
C THR B 110 -26.23 0.03 -12.63
N GLN B 111 -26.73 -1.19 -12.75
CA GLN B 111 -26.39 -2.11 -13.83
C GLN B 111 -27.03 -1.76 -15.16
N ASN B 112 -28.17 -1.09 -15.10
CA ASN B 112 -28.93 -0.79 -16.28
C ASN B 112 -29.02 0.73 -16.41
N ARG B 113 -28.48 1.26 -17.51
CA ARG B 113 -28.41 2.70 -17.75
C ARG B 113 -29.76 3.43 -17.61
N PHE B 114 -30.84 2.79 -18.06
CA PHE B 114 -32.19 3.36 -17.91
C PHE B 114 -32.65 3.39 -16.45
N THR B 115 -32.50 2.27 -15.73
CA THR B 115 -32.89 2.23 -14.32
C THR B 115 -32.01 3.19 -13.51
N GLU B 116 -30.74 3.28 -13.91
CA GLU B 116 -29.79 4.20 -13.33
C GLU B 116 -30.25 5.67 -13.44
N LYS B 117 -30.63 6.08 -14.65
CA LYS B 117 -31.10 7.44 -14.89
C LYS B 117 -32.33 7.78 -14.04
N ASN B 118 -33.26 6.84 -13.94
CA ASN B 118 -34.47 7.03 -13.13
C ASN B 118 -34.13 7.27 -11.66
N ALA B 119 -33.12 6.56 -11.16
CA ALA B 119 -32.69 6.67 -9.76
C ALA B 119 -31.96 7.99 -9.48
N ILE B 120 -31.15 8.46 -10.43
CA ILE B 120 -30.52 9.78 -10.33
C ILE B 120 -31.57 10.89 -10.32
N GLU B 121 -32.58 10.75 -11.18
CA GLU B 121 -33.65 11.74 -11.26
C GLU B 121 -34.48 11.81 -9.98
N LYS B 122 -34.81 10.65 -9.42
CA LYS B 122 -35.53 10.60 -8.15
C LYS B 122 -34.73 11.24 -7.02
N ALA B 123 -33.40 11.21 -7.14
CA ALA B 123 -32.51 11.91 -6.21
C ALA B 123 -32.49 13.40 -6.46
N GLY B 124 -33.12 13.84 -7.56
CA GLY B 124 -33.30 15.25 -7.85
C GLY B 124 -32.09 15.89 -8.50
N LEU B 125 -31.20 15.05 -9.04
CA LEU B 125 -30.00 15.53 -9.67
C LEU B 125 -30.14 15.54 -11.19
N PRO B 126 -29.42 16.44 -11.87
CA PRO B 126 -29.56 16.63 -13.31
C PRO B 126 -28.90 15.55 -14.16
N VAL B 127 -29.63 15.08 -15.17
CA VAL B 127 -29.09 14.16 -16.19
C VAL B 127 -29.47 14.68 -17.57
N ALA B 128 -28.72 14.25 -18.60
CA ALA B 128 -29.08 14.56 -19.97
C ALA B 128 -30.48 13.96 -20.25
N THR B 129 -31.31 14.66 -21.03
CA THR B 129 -32.62 14.13 -21.44
C THR B 129 -32.40 12.78 -22.14
N TYR B 130 -33.24 11.80 -21.82
CA TYR B 130 -33.03 10.44 -22.32
C TYR B 130 -34.34 9.71 -22.63
N ARG B 131 -34.25 8.70 -23.49
CA ARG B 131 -35.40 7.91 -23.93
C ARG B 131 -34.98 6.45 -24.09
N LEU B 132 -35.83 5.53 -23.63
CA LEU B 132 -35.60 4.11 -23.81
C LEU B 132 -35.83 3.72 -25.28
N VAL B 133 -34.90 2.95 -25.83
CA VAL B 133 -34.99 2.49 -27.21
C VAL B 133 -34.95 0.96 -27.28
N GLN B 134 -36.05 0.35 -27.72
CA GLN B 134 -36.18 -1.12 -27.79
C GLN B 134 -36.39 -1.65 -29.21
N ASN B 135 -36.58 -0.75 -30.16
CA ASN B 135 -36.77 -1.13 -31.57
C ASN B 135 -36.56 0.09 -32.46
N GLN B 136 -36.72 -0.08 -33.77
CA GLN B 136 -36.45 1.02 -34.70
C GLN B 136 -37.46 2.17 -34.58
N GLU B 137 -38.74 1.84 -34.41
CA GLU B 137 -39.77 2.86 -34.19
C GLU B 137 -39.41 3.76 -32.99
N GLN B 138 -38.97 3.15 -31.90
CA GLN B 138 -38.61 3.92 -30.71
C GLN B 138 -37.36 4.76 -30.92
N LEU B 139 -36.39 4.25 -31.70
CA LEU B 139 -35.19 5.01 -32.03
C LEU B 139 -35.55 6.24 -32.86
N THR B 140 -36.40 6.03 -33.86
CA THR B 140 -36.90 7.11 -34.70
C THR B 140 -37.55 8.22 -33.88
N GLU B 141 -38.50 7.84 -33.03
CA GLU B 141 -39.20 8.78 -32.15
C GLU B 141 -38.23 9.52 -31.23
N ALA B 142 -37.25 8.79 -30.70
CA ALA B 142 -36.27 9.37 -29.78
C ALA B 142 -35.40 10.39 -30.49
N ILE B 143 -34.96 10.08 -31.70
CA ILE B 143 -34.18 11.03 -32.51
C ILE B 143 -35.03 12.26 -32.81
N ALA B 144 -36.30 12.06 -33.17
CA ALA B 144 -37.20 13.16 -33.48
C ALA B 144 -37.39 14.08 -32.28
N GLU B 145 -37.58 13.50 -31.09
CA GLU B 145 -37.73 14.25 -29.84
C GLU B 145 -36.44 14.96 -29.38
N LEU B 146 -35.30 14.29 -29.46
CA LEU B 146 -34.06 14.84 -28.86
C LEU B 146 -33.13 15.53 -29.86
N SER B 147 -33.25 15.17 -31.13
CA SER B 147 -32.41 15.73 -32.21
C SER B 147 -30.92 15.42 -32.10
N TYR B 148 -30.11 16.21 -32.80
CA TYR B 148 -28.66 16.06 -32.80
C TYR B 148 -28.02 17.27 -32.11
N PRO B 149 -26.88 17.07 -31.43
CA PRO B 149 -26.21 15.78 -31.25
C PRO B 149 -26.82 14.96 -30.11
N SER B 150 -26.70 13.64 -30.24
CA SER B 150 -27.21 12.70 -29.24
C SER B 150 -26.30 11.47 -29.25
N VAL B 151 -26.45 10.62 -28.23
CA VAL B 151 -25.67 9.38 -28.15
C VAL B 151 -26.56 8.21 -27.77
N LEU B 152 -26.40 7.12 -28.51
CA LEU B 152 -27.13 5.90 -28.22
C LEU B 152 -26.19 4.94 -27.49
N LYS B 153 -26.63 4.47 -26.33
CA LYS B 153 -25.82 3.55 -25.54
C LYS B 153 -26.65 2.35 -25.15
N THR B 154 -26.06 1.16 -25.18
CA THR B 154 -26.71 -0.05 -24.63
C THR B 154 -27.02 0.16 -23.15
N THR B 155 -28.17 -0.32 -22.71
CA THR B 155 -28.54 -0.18 -21.30
C THR B 155 -27.70 -1.05 -20.36
N THR B 156 -27.20 -2.19 -20.83
CA THR B 156 -26.38 -3.05 -19.97
C THR B 156 -25.02 -3.40 -20.56
N GLY B 157 -24.12 -3.86 -19.68
CA GLY B 157 -22.72 -4.10 -20.00
C GLY B 157 -22.50 -4.86 -21.28
N GLY B 158 -22.06 -4.12 -22.31
CA GLY B 158 -21.84 -4.68 -23.64
C GLY B 158 -21.00 -3.72 -24.45
N TYR B 159 -19.94 -3.21 -23.81
CA TYR B 159 -19.01 -2.27 -24.46
C TYR B 159 -18.09 -2.97 -25.46
N ASP B 160 -17.83 -4.26 -25.22
CA ASP B 160 -16.81 -5.02 -25.95
C ASP B 160 -17.04 -5.05 -27.48
N GLY B 161 -16.53 -4.03 -28.16
CA GLY B 161 -16.61 -3.95 -29.63
C GLY B 161 -17.54 -2.88 -30.19
N LYS B 162 -18.64 -2.60 -29.47
CA LYS B 162 -19.64 -1.59 -29.88
C LYS B 162 -19.96 -0.59 -28.76
N GLY B 163 -20.89 -0.95 -27.87
CA GLY B 163 -21.29 -0.11 -26.74
C GLY B 163 -22.16 1.09 -27.10
N GLN B 164 -21.64 1.96 -27.96
CA GLN B 164 -22.30 3.23 -28.22
C GLN B 164 -22.12 3.79 -29.63
N VAL B 165 -23.06 4.62 -30.03
CA VAL B 165 -22.99 5.35 -31.30
C VAL B 165 -23.26 6.81 -31.00
N VAL B 166 -22.34 7.67 -31.40
CA VAL B 166 -22.53 9.12 -31.28
C VAL B 166 -23.20 9.60 -32.56
N LEU B 167 -24.36 10.25 -32.42
CA LEU B 167 -25.10 10.77 -33.57
C LEU B 167 -24.88 12.27 -33.69
N ARG B 168 -23.92 12.66 -34.53
CA ARG B 168 -23.65 14.08 -34.79
C ARG B 168 -24.66 14.64 -35.78
N SER B 169 -25.10 13.80 -36.71
CA SER B 169 -26.08 14.20 -37.72
C SER B 169 -26.87 12.98 -38.20
N GLU B 170 -27.73 13.17 -39.19
CA GLU B 170 -28.51 12.07 -39.77
C GLU B 170 -27.64 10.98 -40.42
N ALA B 171 -26.39 11.33 -40.73
CA ALA B 171 -25.44 10.39 -41.33
C ALA B 171 -25.02 9.24 -40.40
N ASP B 172 -25.21 9.43 -39.09
CA ASP B 172 -24.86 8.40 -38.09
C ASP B 172 -26.03 7.51 -37.70
N VAL B 173 -27.22 7.79 -38.25
CA VAL B 173 -28.43 7.00 -37.95
C VAL B 173 -28.30 5.51 -38.33
N ASP B 174 -27.77 5.21 -39.53
CA ASP B 174 -27.58 3.81 -39.97
C ASP B 174 -26.84 2.97 -38.93
N GLU B 175 -25.75 3.53 -38.40
CA GLU B 175 -24.95 2.86 -37.38
C GLU B 175 -25.74 2.67 -36.07
N ALA B 176 -26.55 3.66 -35.72
CA ALA B 176 -27.38 3.59 -34.50
C ALA B 176 -28.46 2.53 -34.62
N ARG B 177 -29.03 2.38 -35.81
CA ARG B 177 -30.08 1.38 -36.05
C ARG B 177 -29.56 -0.04 -35.80
N LYS B 178 -28.37 -0.32 -36.35
CA LYS B 178 -27.68 -1.59 -36.12
C LYS B 178 -27.55 -1.91 -34.64
N LEU B 179 -27.09 -0.93 -33.87
CA LEU B 179 -26.94 -1.09 -32.42
C LEU B 179 -28.28 -1.32 -31.75
N ALA B 180 -29.28 -0.54 -32.16
CA ALA B 180 -30.62 -0.65 -31.60
C ALA B 180 -31.20 -2.05 -31.78
N ASN B 181 -30.89 -2.71 -32.90
CA ASN B 181 -31.31 -4.11 -33.06
C ASN B 181 -30.57 -5.07 -32.16
N ALA B 182 -29.28 -4.82 -31.96
CA ALA B 182 -28.41 -5.72 -31.19
C ALA B 182 -28.73 -5.76 -29.69
N ALA B 183 -29.14 -4.64 -29.11
CA ALA B 183 -29.41 -4.55 -27.68
C ALA B 183 -30.40 -3.44 -27.31
N GLU B 184 -31.05 -3.59 -26.16
CA GLU B 184 -31.81 -2.50 -25.56
C GLU B 184 -30.88 -1.32 -25.32
N CYS B 185 -31.36 -0.12 -25.66
CA CYS B 185 -30.56 1.10 -25.59
C CYS B 185 -31.29 2.26 -24.94
N ILE B 186 -30.52 3.28 -24.55
CA ILE B 186 -31.11 4.59 -24.31
C ILE B 186 -30.43 5.58 -25.24
N LEU B 187 -31.23 6.51 -25.74
CA LEU B 187 -30.71 7.65 -26.46
C LEU B 187 -30.70 8.84 -25.50
N GLU B 188 -29.56 9.51 -25.39
CA GLU B 188 -29.41 10.68 -24.54
C GLU B 188 -29.02 11.88 -25.37
N LYS B 189 -29.61 13.02 -25.04
CA LYS B 189 -29.19 14.27 -25.63
C LYS B 189 -27.74 14.53 -25.24
N TRP B 190 -26.92 14.91 -26.20
CA TRP B 190 -25.54 15.29 -25.93
C TRP B 190 -25.54 16.70 -25.35
N VAL B 191 -25.14 16.81 -24.09
CA VAL B 191 -25.11 18.10 -23.41
C VAL B 191 -23.67 18.63 -23.49
N PRO B 192 -23.51 19.88 -23.95
CA PRO B 192 -22.16 20.40 -24.17
C PRO B 192 -21.43 20.55 -22.83
N PHE B 193 -20.18 20.13 -22.76
CA PHE B 193 -19.41 20.23 -21.52
C PHE B 193 -17.96 20.60 -21.78
N GLU B 194 -17.31 21.18 -20.77
CA GLU B 194 -15.87 21.50 -20.84
C GLU B 194 -15.01 20.32 -20.38
N LYS B 195 -15.42 19.64 -19.31
CA LYS B 195 -14.67 18.46 -18.84
C LYS B 195 -15.50 17.42 -18.12
N GLU B 196 -15.00 16.18 -18.19
CA GLU B 196 -15.54 15.07 -17.43
C GLU B 196 -14.84 14.99 -16.10
N VAL B 197 -15.63 14.81 -15.05
CA VAL B 197 -15.09 14.65 -13.71
C VAL B 197 -15.75 13.47 -13.01
N SER B 198 -15.10 12.98 -11.95
CA SER B 198 -15.68 11.94 -11.12
C SER B 198 -15.34 12.15 -9.67
N VAL B 199 -16.20 11.61 -8.81
CA VAL B 199 -16.04 11.66 -7.37
C VAL B 199 -16.31 10.26 -6.85
N ILE B 200 -15.40 9.78 -6.00
CA ILE B 200 -15.62 8.53 -5.28
C ILE B 200 -16.16 8.86 -3.90
N VAL B 201 -17.35 8.35 -3.60
CA VAL B 201 -17.94 8.50 -2.28
C VAL B 201 -18.00 7.15 -1.58
N ILE B 202 -17.66 7.15 -0.29
CA ILE B 202 -17.67 5.96 0.55
C ILE B 202 -18.62 6.14 1.72
N ARG B 203 -19.46 5.13 1.96
CA ARG B 203 -20.33 5.18 3.12
C ARG B 203 -20.32 3.84 3.86
N SER B 204 -19.99 3.87 5.16
CA SER B 204 -19.88 2.63 5.93
C SER B 204 -21.26 2.12 6.37
N VAL B 205 -21.28 0.90 6.88
CA VAL B 205 -22.46 0.25 7.46
C VAL B 205 -23.12 1.14 8.51
N SER B 206 -22.32 1.84 9.32
CA SER B 206 -22.85 2.70 10.35
C SER B 206 -23.23 4.12 9.84
N GLY B 207 -23.09 4.34 8.54
CA GLY B 207 -23.53 5.61 7.93
C GLY B 207 -22.48 6.69 7.75
N GLU B 208 -21.24 6.41 8.20
CA GLU B 208 -20.16 7.38 8.04
C GLU B 208 -19.86 7.60 6.56
N THR B 209 -19.71 8.86 6.16
CA THR B 209 -19.53 9.18 4.75
C THR B 209 -18.27 10.00 4.53
N LYS B 210 -17.45 9.56 3.57
CA LYS B 210 -16.28 10.34 3.10
C LYS B 210 -16.31 10.45 1.60
N VAL B 211 -15.86 11.59 1.09
CA VAL B 211 -15.75 11.81 -0.35
C VAL B 211 -14.28 12.09 -0.70
N PHE B 212 -13.80 11.48 -1.77
CA PHE B 212 -12.46 11.78 -2.27
C PHE B 212 -12.47 13.05 -3.10
N PRO B 213 -11.30 13.66 -3.35
CA PRO B 213 -11.18 14.85 -4.21
C PRO B 213 -11.72 14.60 -5.61
N VAL B 214 -12.29 15.63 -6.23
CA VAL B 214 -12.79 15.56 -7.60
C VAL B 214 -11.63 15.34 -8.58
N ALA B 215 -11.78 14.35 -9.43
CA ALA B 215 -10.80 14.04 -10.47
C ALA B 215 -11.32 14.45 -11.83
N GLU B 216 -10.41 14.94 -12.66
CA GLU B 216 -10.71 15.25 -14.05
C GLU B 216 -10.24 14.10 -14.93
N ASN B 217 -11.19 13.55 -15.69
CA ASN B 217 -10.94 12.35 -16.47
C ASN B 217 -10.86 12.61 -17.97
N ILE B 218 -9.87 11.99 -18.60
CA ILE B 218 -9.67 12.12 -20.03
C ILE B 218 -9.82 10.73 -20.63
N HIS B 219 -10.82 10.58 -21.48
CA HIS B 219 -11.11 9.32 -22.13
C HIS B 219 -10.64 9.36 -23.58
N VAL B 220 -10.15 8.24 -24.08
CA VAL B 220 -9.77 8.08 -25.49
C VAL B 220 -10.40 6.78 -25.97
N ASN B 221 -11.18 6.86 -27.05
CA ASN B 221 -11.99 5.74 -27.54
C ASN B 221 -12.86 5.14 -26.45
N ASN B 222 -13.46 6.00 -25.63
CA ASN B 222 -14.28 5.61 -24.46
C ASN B 222 -13.57 4.71 -23.44
N ILE B 223 -12.24 4.77 -23.39
CA ILE B 223 -11.49 4.12 -22.33
C ILE B 223 -10.75 5.22 -21.59
N LEU B 224 -10.81 5.17 -20.26
CA LEU B 224 -10.07 6.11 -19.44
C LEU B 224 -8.60 6.07 -19.79
N HIS B 225 -8.04 7.24 -20.06
CA HIS B 225 -6.63 7.41 -20.33
C HIS B 225 -5.94 8.03 -19.10
N GLU B 226 -6.43 9.19 -18.66
CA GLU B 226 -5.87 9.91 -17.52
C GLU B 226 -6.92 10.39 -16.54
N SER B 227 -6.54 10.38 -15.26
CA SER B 227 -7.29 11.03 -14.20
C SER B 227 -6.38 12.10 -13.59
N ILE B 228 -6.91 13.33 -13.43
CA ILE B 228 -6.11 14.48 -12.98
C ILE B 228 -6.69 15.05 -11.67
N VAL B 229 -5.84 15.14 -10.65
CA VAL B 229 -6.29 15.54 -9.33
C VAL B 229 -5.26 16.50 -8.70
N PRO B 230 -5.71 17.70 -8.32
CA PRO B 230 -7.10 18.18 -8.37
C PRO B 230 -7.60 18.43 -9.79
N ALA B 231 -8.89 18.16 -10.03
CA ALA B 231 -9.53 18.49 -11.30
C ALA B 231 -9.36 19.99 -11.60
N ARG B 232 -9.06 20.31 -12.85
CA ARG B 232 -8.82 21.71 -13.23
C ARG B 232 -10.14 22.44 -13.48
N ILE B 233 -10.92 22.58 -12.42
CA ILE B 233 -12.23 23.21 -12.44
C ILE B 233 -12.31 24.26 -11.33
N THR B 234 -13.37 25.07 -11.32
CA THR B 234 -13.56 26.06 -10.28
C THR B 234 -13.87 25.41 -8.93
N GLU B 235 -13.53 26.13 -7.86
CA GLU B 235 -13.87 25.73 -6.49
C GLU B 235 -15.37 25.46 -6.33
N GLU B 236 -16.21 26.29 -6.95
CA GLU B 236 -17.67 26.12 -6.88
C GLU B 236 -18.16 24.83 -7.56
N LEU B 237 -17.56 24.49 -8.70
CA LEU B 237 -17.86 23.21 -9.36
C LEU B 237 -17.47 22.01 -8.51
N SER B 238 -16.28 22.08 -7.91
CA SER B 238 -15.78 21.05 -6.99
C SER B 238 -16.76 20.83 -5.85
N GLN B 239 -17.20 21.93 -5.23
CA GLN B 239 -18.16 21.88 -4.13
C GLN B 239 -19.50 21.27 -4.54
N LYS B 240 -19.97 21.64 -5.73
CA LYS B 240 -21.21 21.09 -6.25
C LYS B 240 -21.07 19.60 -6.55
N ALA B 241 -19.96 19.20 -7.18
CA ALA B 241 -19.70 17.79 -7.47
C ALA B 241 -19.70 16.96 -6.19
N ILE B 242 -19.03 17.47 -5.16
CA ILE B 242 -18.97 16.79 -3.87
C ILE B 242 -20.36 16.68 -3.21
N ALA B 243 -21.11 17.78 -3.21
CA ALA B 243 -22.47 17.75 -2.68
C ALA B 243 -23.36 16.75 -3.41
N TYR B 244 -23.25 16.72 -4.74
CA TYR B 244 -24.01 15.78 -5.57
C TYR B 244 -23.72 14.34 -5.18
N ALA B 245 -22.44 14.03 -4.93
CA ALA B 245 -22.07 12.68 -4.51
C ALA B 245 -22.66 12.28 -3.16
N LYS B 246 -22.69 13.22 -2.21
CA LYS B 246 -23.30 12.98 -0.90
C LYS B 246 -24.80 12.72 -1.01
N VAL B 247 -25.47 13.46 -1.91
CA VAL B 247 -26.89 13.30 -2.14
C VAL B 247 -27.18 11.89 -2.65
N LEU B 248 -26.40 11.45 -3.63
CA LEU B 248 -26.50 10.09 -4.17
C LEU B 248 -26.27 8.98 -3.14
N ALA B 249 -25.20 9.09 -2.36
CA ALA B 249 -24.92 8.12 -1.30
C ALA B 249 -26.09 7.98 -0.34
N ASP B 250 -26.69 9.11 0.03
CA ASP B 250 -27.80 9.11 0.98
C ASP B 250 -29.09 8.59 0.33
N GLU B 251 -29.38 9.06 -0.89
CA GLU B 251 -30.61 8.64 -1.57
C GLU B 251 -30.60 7.17 -2.01
N LEU B 252 -29.43 6.67 -2.41
CA LEU B 252 -29.27 5.28 -2.80
C LEU B 252 -28.95 4.35 -1.64
N GLU B 253 -28.96 4.90 -0.43
CA GLU B 253 -28.65 4.18 0.82
C GLU B 253 -27.37 3.36 0.68
N LEU B 254 -26.32 4.03 0.19
CA LEU B 254 -25.05 3.39 -0.11
C LEU B 254 -24.40 2.74 1.11
N VAL B 255 -23.93 1.52 0.91
CA VAL B 255 -22.95 0.92 1.81
C VAL B 255 -21.80 0.42 0.94
N GLY B 256 -20.61 0.90 1.24
CA GLY B 256 -19.44 0.61 0.42
C GLY B 256 -19.07 1.81 -0.43
N THR B 257 -18.76 1.55 -1.69
CA THR B 257 -18.17 2.55 -2.57
C THR B 257 -19.11 2.88 -3.72
N LEU B 258 -19.20 4.16 -4.05
CA LEU B 258 -19.88 4.61 -5.26
C LEU B 258 -19.04 5.62 -6.04
N ALA B 259 -18.78 5.28 -7.30
CA ALA B 259 -18.08 6.15 -8.23
C ALA B 259 -19.13 6.90 -9.06
N VAL B 260 -19.09 8.22 -9.01
CA VAL B 260 -20.04 9.07 -9.73
C VAL B 260 -19.31 9.82 -10.82
N GLU B 261 -19.59 9.45 -12.07
CA GLU B 261 -19.00 10.14 -13.22
C GLU B 261 -19.94 11.26 -13.67
N MET B 262 -19.34 12.38 -14.05
CA MET B 262 -20.06 13.65 -14.27
C MET B 262 -19.54 14.42 -15.47
N PHE B 263 -20.38 15.33 -15.97
CA PHE B 263 -20.02 16.29 -16.98
C PHE B 263 -20.08 17.67 -16.34
N ALA B 264 -19.05 18.46 -16.56
CA ALA B 264 -19.00 19.81 -16.05
C ALA B 264 -19.03 20.76 -17.24
N THR B 265 -20.03 21.64 -17.25
CA THR B 265 -20.24 22.56 -18.37
C THR B 265 -19.55 23.90 -18.17
N ALA B 266 -19.36 24.62 -19.28
CA ALA B 266 -18.76 25.96 -19.27
C ALA B 266 -19.47 26.96 -18.36
N ASP B 267 -20.77 26.77 -18.15
CA ASP B 267 -21.57 27.69 -17.31
C ASP B 267 -21.75 27.23 -15.86
N GLY B 268 -20.89 26.34 -15.38
CA GLY B 268 -20.88 25.92 -13.98
C GLY B 268 -21.91 24.90 -13.52
N GLU B 269 -22.50 24.15 -14.45
CA GLU B 269 -23.44 23.09 -14.08
C GLU B 269 -22.85 21.67 -14.18
N ILE B 270 -23.42 20.74 -13.43
CA ILE B 270 -22.98 19.35 -13.42
C ILE B 270 -24.11 18.38 -13.78
N TYR B 271 -23.88 17.55 -14.78
CA TYR B 271 -24.79 16.47 -15.12
C TYR B 271 -24.19 15.14 -14.70
N ILE B 272 -25.01 14.29 -14.08
CA ILE B 272 -24.58 12.95 -13.69
C ILE B 272 -24.58 12.04 -14.93
N ASN B 273 -23.43 11.46 -15.23
CA ASN B 273 -23.24 10.61 -16.40
C ASN B 273 -23.61 9.14 -16.08
N GLU B 274 -22.79 8.50 -15.25
CA GLU B 274 -23.11 7.17 -14.77
C GLU B 274 -22.50 6.87 -13.40
N LEU B 275 -22.93 5.75 -12.82
CA LEU B 275 -22.58 5.34 -11.47
C LEU B 275 -21.98 3.94 -11.49
N ALA B 276 -21.06 3.68 -10.58
CA ALA B 276 -20.47 2.35 -10.42
C ALA B 276 -20.43 2.01 -8.94
N PRO B 277 -21.10 0.92 -8.55
CA PRO B 277 -21.18 0.57 -7.14
C PRO B 277 -19.94 -0.18 -6.64
N ARG B 278 -18.76 0.41 -6.87
CA ARG B 278 -17.48 -0.26 -6.60
C ARG B 278 -16.32 0.73 -6.78
N PRO B 279 -15.12 0.35 -6.28
CA PRO B 279 -13.94 1.11 -6.65
C PRO B 279 -13.87 1.21 -8.18
N HIS B 280 -13.36 2.33 -8.67
CA HIS B 280 -13.47 2.67 -10.06
C HIS B 280 -12.10 3.08 -10.57
N ASN B 281 -11.85 2.82 -11.85
CA ASN B 281 -10.61 3.19 -12.50
C ASN B 281 -10.20 4.66 -12.24
N SER B 282 -11.19 5.56 -12.16
CA SER B 282 -10.91 6.98 -11.95
C SER B 282 -10.52 7.31 -10.51
N GLY B 283 -10.59 6.31 -9.63
CA GLY B 283 -10.11 6.45 -8.25
C GLY B 283 -8.79 5.78 -7.92
N HIS B 284 -8.08 5.25 -8.92
CA HIS B 284 -6.77 4.59 -8.67
C HIS B 284 -5.69 5.56 -8.17
N TYR B 285 -5.84 6.84 -8.49
CA TYR B 285 -4.89 7.87 -8.02
C TYR B 285 -4.75 7.84 -6.51
N THR B 286 -5.83 7.45 -5.82
CA THR B 286 -5.88 7.47 -4.35
C THR B 286 -4.85 6.55 -3.68
N GLN B 287 -4.35 5.55 -4.39
CA GLN B 287 -3.35 4.63 -3.80
C GLN B 287 -2.06 5.34 -3.41
N ASP B 288 -1.71 6.38 -4.15
CA ASP B 288 -0.45 7.08 -3.93
C ASP B 288 -0.60 8.55 -3.51
N ALA B 289 -1.78 9.12 -3.73
CA ALA B 289 -1.97 10.57 -3.52
C ALA B 289 -2.86 10.96 -2.33
N CYS B 290 -3.58 10.00 -1.76
CA CYS B 290 -4.48 10.29 -0.64
C CYS B 290 -4.06 9.56 0.62
N GLU B 291 -4.58 10.03 1.74
CA GLU B 291 -4.27 9.47 3.04
C GLU B 291 -4.80 8.02 3.13
N THR B 292 -5.93 7.74 2.46
CA THR B 292 -6.45 6.38 2.36
C THR B 292 -6.74 6.10 0.89
N SER B 293 -6.50 4.88 0.43
CA SER B 293 -6.90 4.53 -0.94
C SER B 293 -8.39 4.20 -0.96
N GLN B 294 -9.01 4.24 -2.14
CA GLN B 294 -10.40 3.81 -2.28
C GLN B 294 -10.58 2.33 -1.91
N PHE B 295 -9.52 1.55 -2.10
CA PHE B 295 -9.58 0.12 -1.74
C PHE B 295 -9.58 -0.07 -0.23
N GLY B 296 -8.65 0.60 0.47
CA GLY B 296 -8.66 0.64 1.94
C GLY B 296 -9.99 1.16 2.51
N GLN B 297 -10.53 2.21 1.89
CA GLN B 297 -11.83 2.74 2.29
C GLN B 297 -12.97 1.76 2.09
N HIS B 298 -13.01 1.10 0.93
CA HIS B 298 -14.03 0.11 0.65
C HIS B 298 -14.06 -1.01 1.70
N ILE B 299 -12.87 -1.55 2.01
CA ILE B 299 -12.73 -2.55 3.08
C ILE B 299 -13.25 -2.02 4.44
N ARG B 300 -12.83 -0.82 4.82
CA ARG B 300 -13.29 -0.21 6.05
C ARG B 300 -14.82 -0.05 6.05
N ALA B 301 -15.36 0.34 4.90
CA ALA B 301 -16.81 0.59 4.78
C ALA B 301 -17.66 -0.65 5.06
N ILE B 302 -17.32 -1.76 4.41
CA ILE B 302 -18.08 -3.00 4.55
C ILE B 302 -17.84 -3.67 5.89
N CYS B 303 -16.64 -3.52 6.43
CA CYS B 303 -16.31 -4.10 7.73
C CYS B 303 -16.81 -3.25 8.89
N ASN B 304 -17.23 -2.02 8.58
CA ASN B 304 -17.73 -1.05 9.59
C ASN B 304 -16.66 -0.58 10.58
N LEU B 305 -15.45 -0.36 10.04
CA LEU B 305 -14.37 0.32 10.74
C LEU B 305 -14.50 1.82 10.49
N PRO B 306 -13.91 2.65 11.37
CA PRO B 306 -13.84 4.06 11.07
C PRO B 306 -13.21 4.25 9.69
N LEU B 307 -13.78 5.15 8.89
CA LEU B 307 -13.21 5.47 7.60
C LEU B 307 -11.92 6.24 7.77
N GLY B 308 -11.01 6.05 6.81
CA GLY B 308 -9.78 6.83 6.78
C GLY B 308 -10.05 8.21 6.21
N GLU B 309 -9.04 9.07 6.29
CA GLU B 309 -9.16 10.41 5.72
C GLU B 309 -8.90 10.37 4.22
N THR B 310 -9.48 11.33 3.51
CA THR B 310 -9.42 11.33 2.05
C THR B 310 -8.65 12.52 1.49
N ASN B 311 -7.90 13.20 2.35
CA ASN B 311 -7.09 14.36 1.97
C ASN B 311 -6.17 14.08 0.80
N LEU B 312 -6.12 15.00 -0.15
CA LEU B 312 -5.14 14.91 -1.21
C LEU B 312 -3.79 15.35 -0.66
N LEU B 313 -2.83 14.44 -0.63
CA LEU B 313 -1.53 14.74 -0.05
C LEU B 313 -0.50 15.26 -1.06
N LYS B 314 -0.75 14.99 -2.34
CA LYS B 314 0.08 15.53 -3.42
C LYS B 314 -0.73 15.44 -4.71
N PRO B 315 -0.61 16.46 -5.60
CA PRO B 315 -1.29 16.37 -6.90
C PRO B 315 -0.77 15.19 -7.74
N VAL B 316 -1.64 14.68 -8.60
CA VAL B 316 -1.39 13.40 -9.26
C VAL B 316 -2.09 13.28 -10.61
N VAL B 317 -1.38 12.66 -11.55
CA VAL B 317 -1.99 12.22 -12.79
C VAL B 317 -1.87 10.69 -12.85
N MET B 318 -3.01 10.01 -12.87
CA MET B 318 -3.04 8.58 -13.12
C MET B 318 -3.11 8.35 -14.62
N VAL B 319 -2.25 7.47 -15.15
CA VAL B 319 -2.31 7.08 -16.55
C VAL B 319 -2.52 5.57 -16.65
N ASN B 320 -3.51 5.15 -17.44
CA ASN B 320 -3.79 3.73 -17.64
C ASN B 320 -2.74 3.04 -18.51
N ILE B 321 -2.41 1.82 -18.14
CA ILE B 321 -1.55 0.96 -18.94
C ILE B 321 -2.42 -0.14 -19.53
N LEU B 322 -2.68 -0.04 -20.82
CA LEU B 322 -3.43 -1.06 -21.55
C LEU B 322 -2.46 -2.09 -22.12
N GLY B 323 -3.01 -3.19 -22.64
CA GLY B 323 -2.20 -4.21 -23.33
C GLY B 323 -1.26 -3.60 -24.35
N GLU B 324 -1.73 -2.59 -25.07
CA GLU B 324 -0.91 -1.90 -26.07
C GLU B 324 0.25 -1.09 -25.50
N HIS B 325 0.26 -0.86 -24.18
CA HIS B 325 1.29 -0.02 -23.55
C HIS B 325 2.35 -0.79 -22.75
N ILE B 326 2.01 -2.02 -22.33
CA ILE B 326 2.84 -2.81 -21.40
C ILE B 326 4.30 -2.99 -21.87
N GLU B 327 4.49 -3.31 -23.14
CA GLU B 327 5.83 -3.43 -23.71
C GLU B 327 6.60 -2.11 -23.52
N GLY B 328 5.97 -0.99 -23.86
CA GLY B 328 6.57 0.32 -23.70
C GLY B 328 6.92 0.65 -22.26
N VAL B 329 6.03 0.30 -21.33
CA VAL B 329 6.28 0.49 -19.89
C VAL B 329 7.55 -0.27 -19.45
N LEU B 330 7.60 -1.55 -19.79
CA LEU B 330 8.73 -2.41 -19.39
C LEU B 330 10.06 -1.98 -20.00
N ARG B 331 10.03 -1.54 -21.25
CA ARG B 331 11.21 -1.00 -21.94
C ARG B 331 11.67 0.33 -21.34
N GLN B 332 10.71 1.09 -20.81
CA GLN B 332 10.98 2.42 -20.27
C GLN B 332 11.00 2.48 -18.73
N VAL B 333 11.15 1.34 -18.06
CA VAL B 333 11.10 1.31 -16.59
C VAL B 333 12.12 2.24 -15.93
N ASN B 334 13.28 2.39 -16.57
CA ASN B 334 14.38 3.23 -16.10
C ASN B 334 14.03 4.73 -16.06
N ARG B 335 12.97 5.11 -16.77
CA ARG B 335 12.58 6.51 -16.89
C ARG B 335 11.41 6.89 -15.97
N LEU B 336 11.01 5.98 -15.10
CA LEU B 336 9.82 6.20 -14.26
C LEU B 336 10.05 6.92 -12.92
N THR B 337 11.02 7.83 -12.88
CA THR B 337 11.18 8.69 -11.71
C THR B 337 9.90 9.50 -11.48
N GLY B 338 9.47 9.55 -10.22
CA GLY B 338 8.27 10.30 -9.82
C GLY B 338 6.97 9.63 -10.20
N CYS B 339 7.09 8.40 -10.71
CA CYS B 339 5.96 7.61 -11.17
C CYS B 339 5.81 6.39 -10.28
N TYR B 340 4.56 6.02 -9.99
CA TYR B 340 4.31 4.91 -9.09
C TYR B 340 3.51 3.87 -9.85
N LEU B 341 4.21 2.79 -10.17
CA LEU B 341 3.72 1.74 -11.05
C LEU B 341 2.89 0.71 -10.32
N HIS B 342 1.74 0.36 -10.90
CA HIS B 342 0.89 -0.69 -10.39
C HIS B 342 0.57 -1.60 -11.54
N LEU B 343 0.90 -2.88 -11.38
CA LEU B 343 0.63 -3.87 -12.41
C LEU B 343 -0.13 -5.05 -11.84
N TYR B 344 -1.12 -5.51 -12.59
CA TYR B 344 -2.16 -6.34 -12.01
C TYR B 344 -1.95 -7.86 -12.09
N GLY B 345 -0.87 -8.29 -12.72
CA GLY B 345 -0.54 -9.73 -12.77
C GLY B 345 -1.34 -10.53 -13.78
N LYS B 346 -1.94 -9.85 -14.75
CA LYS B 346 -2.66 -10.51 -15.84
C LYS B 346 -1.65 -11.12 -16.83
N GLU B 347 -1.88 -12.36 -17.25
CA GLU B 347 -0.87 -13.04 -18.07
C GLU B 347 -0.91 -12.66 -19.56
N GLU B 348 -2.12 -12.58 -20.12
CA GLU B 348 -2.28 -12.30 -21.53
C GLU B 348 -2.59 -10.83 -21.80
N ALA B 349 -1.73 -10.18 -22.56
CA ALA B 349 -1.98 -8.82 -23.00
C ALA B 349 -2.86 -8.85 -24.25
N LYS B 350 -3.97 -8.10 -24.20
CA LYS B 350 -4.75 -7.78 -25.40
C LYS B 350 -4.78 -6.26 -25.50
N ALA B 351 -4.79 -5.73 -26.72
CA ALA B 351 -4.63 -4.29 -26.99
C ALA B 351 -5.31 -3.32 -25.99
N GLN B 352 -6.60 -3.55 -25.70
CA GLN B 352 -7.40 -2.62 -24.90
C GLN B 352 -7.59 -3.09 -23.47
N ARG B 353 -6.99 -4.24 -23.14
CA ARG B 353 -7.09 -4.79 -21.79
C ARG B 353 -6.32 -3.94 -20.79
N LYS B 354 -6.92 -3.71 -19.62
CA LYS B 354 -6.28 -2.93 -18.57
C LYS B 354 -5.28 -3.81 -17.79
N MET B 355 -3.99 -3.50 -17.96
CA MET B 355 -2.88 -4.28 -17.40
C MET B 355 -2.28 -3.67 -16.12
N GLY B 356 -2.48 -2.37 -15.94
CA GLY B 356 -1.90 -1.65 -14.82
C GLY B 356 -2.22 -0.17 -14.92
N HIS B 357 -1.62 0.61 -14.01
CA HIS B 357 -1.71 2.06 -14.07
C HIS B 357 -0.46 2.62 -13.43
N VAL B 358 -0.14 3.86 -13.79
CA VAL B 358 0.94 4.58 -13.14
C VAL B 358 0.42 5.89 -12.56
N ASN B 359 0.71 6.12 -11.28
CA ASN B 359 0.39 7.39 -10.64
C ASN B 359 1.61 8.28 -10.66
N ILE B 360 1.48 9.41 -11.35
CA ILE B 360 2.58 10.37 -11.47
C ILE B 360 2.34 11.49 -10.48
N LEU B 361 3.16 11.57 -9.45
CA LEU B 361 3.03 12.59 -8.42
C LEU B 361 3.98 13.76 -8.67
N ASN B 362 3.43 14.96 -8.60
CA ASN B 362 4.21 16.17 -8.70
C ASN B 362 3.49 17.31 -8.00
N ASP B 363 4.24 18.28 -7.50
CA ASP B 363 3.64 19.48 -6.89
C ASP B 363 2.88 20.27 -7.96
N ASN B 364 3.32 20.16 -9.21
CA ASN B 364 2.65 20.81 -10.31
C ASN B 364 2.03 19.82 -11.26
N ILE B 365 0.72 19.89 -11.37
CA ILE B 365 -0.04 18.98 -12.21
C ILE B 365 0.38 19.01 -13.69
N GLU B 366 0.76 20.19 -14.18
CA GLU B 366 1.23 20.33 -15.58
C GLU B 366 2.56 19.62 -15.81
N VAL B 367 3.43 19.59 -14.80
CA VAL B 367 4.69 18.84 -14.91
C VAL B 367 4.44 17.32 -14.96
N ALA B 368 3.47 16.86 -14.18
CA ALA B 368 3.04 15.45 -14.22
C ALA B 368 2.51 15.08 -15.61
N LEU B 369 1.65 15.94 -16.17
CA LEU B 369 1.11 15.73 -17.51
C LEU B 369 2.20 15.67 -18.57
N GLU B 370 3.13 16.61 -18.49
CA GLU B 370 4.27 16.65 -19.41
C GLU B 370 5.15 15.39 -19.29
N LYS B 371 5.30 14.87 -18.07
CA LYS B 371 6.04 13.62 -17.85
C LYS B 371 5.44 12.45 -18.65
N ALA B 372 4.12 12.32 -18.62
CA ALA B 372 3.41 11.26 -19.33
C ALA B 372 3.67 11.34 -20.84
N LYS B 373 3.59 12.56 -21.38
CA LYS B 373 3.88 12.81 -22.78
C LYS B 373 5.35 12.49 -23.10
N SER B 374 6.28 12.96 -22.25
CA SER B 374 7.71 12.76 -22.50
C SER B 374 8.14 11.29 -22.55
N LEU B 375 7.40 10.42 -21.86
CA LEU B 375 7.69 8.98 -21.86
C LEU B 375 7.34 8.32 -23.21
N HIS B 376 6.46 8.97 -23.97
CA HIS B 376 6.00 8.54 -25.31
C HIS B 376 5.37 7.14 -25.38
N ILE B 377 5.14 6.53 -24.22
CA ILE B 377 4.40 5.27 -24.10
C ILE B 377 2.96 5.41 -24.60
N TRP B 378 2.35 6.57 -24.39
CA TRP B 378 0.94 6.79 -24.76
C TRP B 378 0.80 7.69 -26.00
N ASP B 379 1.67 7.47 -26.97
CA ASP B 379 1.62 8.23 -28.23
C ASP B 379 0.30 8.05 -28.97
N HIS B 380 -0.25 6.84 -28.93
CA HIS B 380 -1.52 6.49 -29.59
C HIS B 380 -2.67 7.33 -29.02
N GLN B 381 -2.71 7.46 -27.70
CA GLN B 381 -3.73 8.26 -27.02
C GLN B 381 -3.55 9.75 -27.30
N GLU B 382 -2.31 10.25 -27.18
CA GLU B 382 -2.02 11.66 -27.46
C GLU B 382 -2.30 11.99 -28.93
N GLN B 383 -2.02 11.02 -29.79
CA GLN B 383 -2.51 10.93 -31.18
C GLN B 383 -1.46 11.18 -32.26
#